data_5M8E
#
_entry.id   5M8E
#
_cell.length_a   59.880
_cell.length_b   71.930
_cell.length_c   79.510
_cell.angle_alpha   90.00
_cell.angle_beta   101.93
_cell.angle_gamma   90.00
#
_symmetry.space_group_name_H-M   'P 1 21 1'
#
loop_
_entity.id
_entity.type
_entity.pdbx_description
1 polymer Alpha-N-arabinofuranosidase
2 non-polymer 'CALCIUM ION'
3 non-polymer IMIDAZOLE
4 non-polymer GLYCEROL
5 water water
#
_entity_poly.entity_id   1
_entity_poly.type   'polypeptide(L)'
_entity_poly.pdbx_seq_one_letter_code
;MGSSHHHHHHSSGLVPRGSHMTVRYENPVIIQRADPYIYKHTDGYYYFVASVPAYNLIELRRAKTIDGLAHAMPRTIWRK
HDSGTGAQSELIWAPELHYTDGKWYVYYAASHTTAFDENGMFQHRMFAIECDAEDPMETEENWVEKGQIETHLDSFALDA
TSFELNDKLYYVWAQKDPEIKGNSNLYIAEMENPWTLKTAPVMLSKPEFDWETKIFWVNEGPAILKRNGKVFLTFSGSAT
DENYAMGMLWIEDDKDVLDAANWHKLDHPVFQSDMENGLYGPGHNSFTVAEDGETDLLVYHVRNYLDIKGDPLYDPNRHT
MVQPFEWDDEGFPVFGKPQPFTFN
;
_entity_poly.pdbx_strand_id   A,B
#
loop_
_chem_comp.id
_chem_comp.type
_chem_comp.name
_chem_comp.formula
CA non-polymer 'CALCIUM ION' 'Ca 2'
GOL non-polymer GLYCEROL 'C3 H8 O3'
IMD non-polymer IMIDAZOLE 'C3 H5 N2 1'
#
# COMPACT_ATOMS: atom_id res chain seq x y z
N THR A 22 -16.23 21.15 -15.46
CA THR A 22 -16.31 19.70 -15.33
C THR A 22 -15.24 19.11 -14.43
N VAL A 23 -15.71 18.30 -13.45
CA VAL A 23 -14.90 17.59 -12.48
C VAL A 23 -14.76 16.13 -12.97
N ARG A 24 -13.53 15.71 -13.18
CA ARG A 24 -13.18 14.35 -13.59
C ARG A 24 -11.76 14.07 -13.13
N TYR A 25 -11.61 13.06 -12.27
CA TYR A 25 -10.32 12.66 -11.74
C TYR A 25 -9.78 11.49 -12.51
N GLU A 26 -8.47 11.33 -12.50
CA GLU A 26 -7.81 10.21 -13.14
C GLU A 26 -7.87 9.09 -12.11
N ASN A 27 -8.57 8.03 -12.48
CA ASN A 27 -8.83 6.90 -11.60
C ASN A 27 -7.98 5.69 -11.94
N PRO A 28 -7.70 4.77 -10.98
CA PRO A 28 -8.02 4.86 -9.55
C PRO A 28 -7.23 5.98 -8.90
N VAL A 29 -7.87 6.74 -8.03
CA VAL A 29 -7.18 7.82 -7.31
C VAL A 29 -6.14 7.20 -6.34
N ILE A 30 -6.56 6.19 -5.54
CA ILE A 30 -5.69 5.54 -4.53
C ILE A 30 -5.56 4.04 -4.82
N ILE A 31 -4.35 3.60 -5.06
CA ILE A 31 -4.04 2.21 -5.37
C ILE A 31 -4.01 1.41 -4.08
N GLN A 32 -4.67 0.24 -4.06
CA GLN A 32 -4.59 -0.71 -2.96
C GLN A 32 -5.12 -0.15 -1.62
N ARG A 33 -6.32 0.43 -1.67
CA ARG A 33 -7.08 0.90 -0.51
C ARG A 33 -8.51 0.52 -0.75
N ALA A 34 -9.08 -0.22 0.20
CA ALA A 34 -10.45 -0.74 0.23
C ALA A 34 -11.21 0.04 1.24
N ASP A 35 -12.56 0.00 1.18
CA ASP A 35 -13.48 0.73 2.09
C ASP A 35 -13.02 2.23 2.22
N PRO A 36 -12.86 2.95 1.07
CA PRO A 36 -12.37 4.33 1.15
C PRO A 36 -13.38 5.28 1.76
N TYR A 37 -12.88 6.20 2.57
CA TYR A 37 -13.70 7.18 3.25
C TYR A 37 -12.94 8.50 3.23
N ILE A 38 -13.55 9.53 2.61
CA ILE A 38 -12.97 10.87 2.52
C ILE A 38 -13.87 11.87 3.30
N TYR A 39 -13.25 12.62 4.21
CA TYR A 39 -13.93 13.63 5.00
C TYR A 39 -13.25 14.98 4.78
N LYS A 40 -14.01 15.98 4.23
CA LYS A 40 -13.51 17.34 4.00
C LYS A 40 -13.78 18.10 5.30
N HIS A 41 -12.71 18.54 5.96
CA HIS A 41 -12.81 19.20 7.24
C HIS A 41 -12.93 20.70 7.08
N THR A 42 -13.20 21.41 8.18
CA THR A 42 -13.39 22.86 8.24
C THR A 42 -12.08 23.60 8.02
N ASP A 43 -10.93 22.89 8.16
CA ASP A 43 -9.59 23.45 7.99
C ASP A 43 -9.16 23.46 6.48
N GLY A 44 -10.07 23.05 5.59
CA GLY A 44 -9.83 22.93 4.15
C GLY A 44 -9.24 21.61 3.67
N TYR A 45 -8.83 20.72 4.59
CA TYR A 45 -8.25 19.42 4.18
C TYR A 45 -9.25 18.32 3.98
N TYR A 46 -8.95 17.43 3.01
CA TYR A 46 -9.62 16.18 2.79
C TYR A 46 -8.83 15.19 3.62
N TYR A 47 -9.49 14.44 4.50
CA TYR A 47 -8.83 13.39 5.28
C TYR A 47 -9.22 12.06 4.66
N PHE A 48 -8.22 11.22 4.32
CA PHE A 48 -8.51 9.92 3.73
C PHE A 48 -8.21 8.83 4.74
N VAL A 49 -9.15 7.90 4.88
CA VAL A 49 -9.03 6.75 5.77
C VAL A 49 -9.66 5.57 5.04
N ALA A 50 -9.03 4.40 5.18
CA ALA A 50 -9.43 3.21 4.44
C ALA A 50 -8.86 1.97 5.09
N SER A 51 -9.26 0.78 4.60
CA SER A 51 -8.68 -0.47 5.08
C SER A 51 -7.32 -0.61 4.33
N VAL A 52 -6.22 -0.84 5.07
CA VAL A 52 -4.90 -1.03 4.43
C VAL A 52 -4.79 -2.55 4.14
N PRO A 53 -4.09 -2.98 3.06
CA PRO A 53 -4.06 -4.42 2.71
C PRO A 53 -3.69 -5.42 3.82
N ALA A 54 -2.77 -5.04 4.76
CA ALA A 54 -2.34 -5.88 5.89
C ALA A 54 -3.38 -5.88 7.04
N TYR A 55 -4.39 -4.97 6.96
CA TYR A 55 -5.48 -4.83 7.96
C TYR A 55 -4.92 -4.75 9.37
N ASN A 56 -3.75 -4.11 9.55
CA ASN A 56 -3.05 -4.14 10.84
C ASN A 56 -3.05 -2.82 11.58
N LEU A 57 -3.61 -1.77 10.98
CA LEU A 57 -3.60 -0.45 11.63
C LEU A 57 -4.58 0.46 10.98
N ILE A 58 -4.80 1.63 11.63
CA ILE A 58 -5.61 2.75 11.14
C ILE A 58 -4.65 3.88 10.85
N GLU A 59 -4.70 4.40 9.63
CA GLU A 59 -3.84 5.54 9.25
C GLU A 59 -4.68 6.62 8.57
N LEU A 60 -4.18 7.85 8.61
CA LEU A 60 -4.81 9.00 7.97
C LEU A 60 -3.83 9.63 7.03
N ARG A 61 -4.35 10.19 5.96
CA ARG A 61 -3.63 11.05 5.05
C ARG A 61 -4.50 12.24 4.75
N ARG A 62 -3.89 13.35 4.40
CA ARG A 62 -4.65 14.56 4.10
C ARG A 62 -4.04 15.33 2.94
N ALA A 63 -4.89 15.99 2.18
CA ALA A 63 -4.44 16.85 1.07
C ALA A 63 -5.57 17.83 0.83
N LYS A 64 -5.26 18.91 0.15
CA LYS A 64 -6.21 19.98 -0.20
C LYS A 64 -6.93 19.63 -1.50
N THR A 65 -6.40 18.66 -2.25
CA THR A 65 -7.04 18.22 -3.48
C THR A 65 -7.23 16.70 -3.42
N ILE A 66 -8.20 16.19 -4.20
CA ILE A 66 -8.45 14.74 -4.27
C ILE A 66 -7.22 14.04 -4.85
N ASP A 67 -6.67 14.59 -5.94
CA ASP A 67 -5.49 14.08 -6.59
C ASP A 67 -4.25 14.07 -5.70
N GLY A 68 -4.14 15.07 -4.82
CA GLY A 68 -3.05 15.19 -3.85
C GLY A 68 -2.98 14.00 -2.90
N LEU A 69 -4.14 13.36 -2.63
CA LEU A 69 -4.26 12.17 -1.76
C LEU A 69 -3.35 10.99 -2.22
N ALA A 70 -3.15 10.83 -3.55
CA ALA A 70 -2.29 9.75 -4.06
C ALA A 70 -0.80 9.96 -3.66
N HIS A 71 -0.43 11.19 -3.26
CA HIS A 71 0.97 11.52 -2.89
C HIS A 71 1.01 12.04 -1.46
N ALA A 72 -0.09 11.87 -0.69
CA ALA A 72 -0.22 12.35 0.69
C ALA A 72 0.40 11.30 1.63
N MET A 73 1.36 11.74 2.44
CA MET A 73 2.10 10.82 3.33
C MET A 73 1.30 10.43 4.55
N PRO A 74 0.99 9.13 4.76
CA PRO A 74 0.12 8.80 5.88
C PRO A 74 0.79 8.90 7.26
N ARG A 75 -0.05 8.93 8.31
CA ARG A 75 0.35 8.86 9.71
C ARG A 75 -0.52 7.78 10.37
N THR A 76 0.11 6.84 11.08
CA THR A 76 -0.63 5.82 11.80
C THR A 76 -1.21 6.48 13.03
N ILE A 77 -2.51 6.29 13.25
CA ILE A 77 -3.18 6.89 14.43
C ILE A 77 -3.48 5.83 15.49
N TRP A 78 -3.48 4.55 15.08
CA TRP A 78 -3.77 3.42 15.97
C TRP A 78 -3.26 2.14 15.36
N ARG A 79 -2.56 1.32 16.16
CA ARG A 79 -2.04 0.01 15.70
C ARG A 79 -2.86 -1.08 16.37
N LYS A 80 -3.11 -2.20 15.67
CA LYS A 80 -3.86 -3.33 16.22
C LYS A 80 -3.15 -3.89 17.44
N HIS A 81 -3.88 -4.54 18.33
CA HIS A 81 -3.27 -5.19 19.49
C HIS A 81 -2.48 -6.41 19.02
N ASP A 82 -1.50 -6.87 19.82
CA ASP A 82 -0.71 -8.05 19.48
C ASP A 82 -1.55 -9.31 19.26
N SER A 83 -1.20 -10.11 18.25
CA SER A 83 -1.89 -11.36 17.94
C SER A 83 -1.88 -12.29 19.18
N GLY A 84 -3.05 -12.88 19.49
CA GLY A 84 -3.22 -13.77 20.62
C GLY A 84 -3.62 -13.05 21.90
N THR A 85 -3.74 -11.69 21.90
CA THR A 85 -4.09 -10.97 23.14
C THR A 85 -5.60 -10.70 23.30
N GLY A 86 -6.41 -11.12 22.32
CA GLY A 86 -7.84 -10.95 22.44
C GLY A 86 -8.45 -9.97 21.46
N ALA A 87 -9.48 -9.23 21.89
CA ALA A 87 -10.19 -8.27 21.04
C ALA A 87 -9.28 -7.23 20.39
N GLN A 88 -9.65 -6.76 19.17
CA GLN A 88 -8.88 -5.73 18.45
C GLN A 88 -7.46 -6.16 18.03
N SER A 89 -7.22 -7.49 17.93
CA SER A 89 -5.89 -8.01 17.60
C SER A 89 -5.71 -8.47 16.14
N GLU A 90 -6.79 -8.47 15.33
CA GLU A 90 -6.75 -8.93 13.92
C GLU A 90 -7.74 -8.21 13.05
N LEU A 91 -7.44 -8.19 11.74
CA LEU A 91 -8.31 -7.73 10.64
C LEU A 91 -9.02 -6.41 10.91
N ILE A 92 -8.24 -5.33 10.95
CA ILE A 92 -8.74 -3.97 11.20
C ILE A 92 -9.40 -3.53 9.93
N TRP A 93 -10.73 -3.39 9.96
CA TRP A 93 -11.50 -3.14 8.76
C TRP A 93 -12.35 -1.90 8.78
N ALA A 94 -12.48 -1.28 7.58
CA ALA A 94 -13.35 -0.18 7.20
C ALA A 94 -13.42 0.97 8.23
N PRO A 95 -12.27 1.63 8.55
CA PRO A 95 -12.34 2.75 9.49
C PRO A 95 -12.95 4.01 8.85
N GLU A 96 -13.73 4.78 9.63
CA GLU A 96 -14.33 6.03 9.16
C GLU A 96 -13.97 7.08 10.13
N LEU A 97 -13.61 8.26 9.63
CA LEU A 97 -13.23 9.35 10.49
C LEU A 97 -14.38 10.36 10.59
N HIS A 98 -14.89 10.57 11.83
CA HIS A 98 -15.98 11.50 12.12
C HIS A 98 -15.53 12.62 13.01
N TYR A 99 -16.06 13.79 12.78
CA TYR A 99 -15.79 14.95 13.62
C TYR A 99 -17.13 15.27 14.28
N THR A 100 -17.27 14.86 15.56
CA THR A 100 -18.53 15.01 16.32
C THR A 100 -18.34 15.83 17.60
N ASP A 101 -19.12 16.92 17.71
CA ASP A 101 -19.15 17.83 18.87
C ASP A 101 -17.72 18.27 19.28
N GLY A 102 -16.95 18.70 18.28
CA GLY A 102 -15.58 19.18 18.45
C GLY A 102 -14.51 18.13 18.67
N LYS A 103 -14.85 16.84 18.56
CA LYS A 103 -13.90 15.74 18.80
C LYS A 103 -13.84 14.76 17.63
N TRP A 104 -12.66 14.14 17.41
CA TRP A 104 -12.47 13.16 16.34
C TRP A 104 -12.77 11.78 16.84
N TYR A 105 -13.49 11.00 16.03
CA TYR A 105 -13.77 9.62 16.33
C TYR A 105 -13.49 8.78 15.13
N VAL A 106 -13.01 7.54 15.35
CA VAL A 106 -12.88 6.59 14.25
C VAL A 106 -13.67 5.37 14.62
N TYR A 107 -14.63 5.00 13.75
CA TYR A 107 -15.38 3.77 13.89
C TYR A 107 -14.68 2.74 13.02
N TYR A 108 -14.41 1.56 13.58
CA TYR A 108 -13.79 0.47 12.81
C TYR A 108 -14.23 -0.88 13.38
N ALA A 109 -14.02 -1.91 12.61
CA ALA A 109 -14.30 -3.28 13.00
C ALA A 109 -12.99 -3.99 13.22
N ALA A 110 -12.97 -4.92 14.16
CA ALA A 110 -11.78 -5.70 14.46
C ALA A 110 -12.20 -7.04 15.01
N SER A 111 -11.34 -8.04 14.80
CA SER A 111 -11.59 -9.39 15.32
C SER A 111 -10.52 -9.82 16.37
N HIS A 112 -10.87 -10.81 17.19
CA HIS A 112 -9.91 -11.39 18.14
C HIS A 112 -9.12 -12.49 17.40
N THR A 113 -9.56 -12.85 16.18
CA THR A 113 -8.98 -13.96 15.41
C THR A 113 -9.12 -13.81 13.92
N THR A 114 -8.22 -14.44 13.15
CA THR A 114 -8.38 -14.41 11.68
C THR A 114 -9.23 -15.62 11.24
N ALA A 115 -9.45 -16.61 12.12
CA ALA A 115 -10.19 -17.81 11.78
C ALA A 115 -11.66 -17.56 11.54
N PHE A 116 -12.26 -18.39 10.67
CA PHE A 116 -13.70 -18.38 10.42
C PHE A 116 -14.34 -19.10 11.59
N ASP A 117 -15.61 -18.80 11.91
CA ASP A 117 -16.29 -19.53 12.99
C ASP A 117 -16.87 -20.81 12.38
N GLU A 118 -17.66 -21.58 13.16
CA GLU A 118 -18.36 -22.81 12.76
C GLU A 118 -19.23 -22.66 11.52
N ASN A 119 -19.70 -21.42 11.26
CA ASN A 119 -20.53 -21.11 10.10
C ASN A 119 -19.74 -20.48 8.94
N GLY A 120 -18.41 -20.58 8.97
CA GLY A 120 -17.58 -20.00 7.92
C GLY A 120 -17.65 -18.49 7.86
N MET A 121 -17.95 -17.86 8.99
CA MET A 121 -18.05 -16.40 9.05
C MET A 121 -16.94 -15.76 9.89
N PHE A 122 -16.61 -14.50 9.57
CA PHE A 122 -15.65 -13.65 10.28
C PHE A 122 -16.23 -13.31 11.66
N GLN A 123 -15.36 -12.92 12.61
CA GLN A 123 -15.79 -12.77 13.99
C GLN A 123 -15.68 -11.38 14.57
N HIS A 124 -15.65 -10.38 13.70
CA HIS A 124 -15.59 -8.97 14.06
C HIS A 124 -16.68 -8.48 14.99
N ARG A 125 -16.30 -7.44 15.74
CA ARG A 125 -17.13 -6.61 16.58
C ARG A 125 -16.76 -5.17 16.20
N MET A 126 -17.54 -4.17 16.64
CA MET A 126 -17.34 -2.76 16.32
C MET A 126 -16.64 -2.04 17.44
N PHE A 127 -15.77 -1.11 17.09
CA PHE A 127 -15.00 -0.35 18.09
C PHE A 127 -14.95 1.12 17.75
N ALA A 128 -14.41 1.91 18.66
CA ALA A 128 -14.18 3.32 18.41
C ALA A 128 -12.93 3.78 19.08
N ILE A 129 -12.25 4.71 18.44
CA ILE A 129 -11.11 5.42 19.03
C ILE A 129 -11.48 6.90 19.02
N GLU A 130 -10.90 7.68 19.94
CA GLU A 130 -11.26 9.09 20.06
C GLU A 130 -10.03 9.99 20.17
N CYS A 131 -10.07 11.16 19.53
CA CYS A 131 -9.00 12.16 19.58
C CYS A 131 -9.57 13.55 19.87
N ASP A 132 -9.24 14.11 21.03
CA ASP A 132 -9.72 15.45 21.42
C ASP A 132 -8.83 16.57 20.87
N ALA A 133 -7.58 16.24 20.47
CA ALA A 133 -6.61 17.19 19.90
C ALA A 133 -7.09 17.74 18.57
N GLU A 134 -6.68 18.98 18.23
CA GLU A 134 -7.07 19.69 17.00
C GLU A 134 -6.65 18.93 15.74
N ASP A 135 -5.37 18.53 15.68
CA ASP A 135 -4.77 17.80 14.56
C ASP A 135 -4.92 16.29 14.80
N PRO A 136 -5.77 15.61 14.00
CA PRO A 136 -5.93 14.15 14.15
C PRO A 136 -4.69 13.34 13.73
N MET A 137 -3.73 14.00 13.07
CA MET A 137 -2.51 13.36 12.54
C MET A 137 -1.23 13.65 13.32
N GLU A 138 -1.29 14.56 14.30
CA GLU A 138 -0.15 14.99 15.13
C GLU A 138 0.59 13.78 15.75
N THR A 139 -0.13 12.91 16.47
CA THR A 139 0.45 11.70 17.09
C THR A 139 -0.64 10.69 17.48
N GLU A 140 -0.29 9.39 17.46
CA GLU A 140 -1.18 8.32 17.87
C GLU A 140 -1.42 8.33 19.39
N GLU A 141 -0.55 9.03 20.16
CA GLU A 141 -0.66 9.18 21.61
C GLU A 141 -1.89 10.01 22.00
N ASN A 142 -2.39 10.81 21.05
CA ASN A 142 -3.61 11.61 21.16
C ASN A 142 -4.88 10.76 21.01
N TRP A 143 -4.78 9.58 20.38
CA TRP A 143 -5.93 8.70 20.16
C TRP A 143 -6.08 7.71 21.31
N VAL A 144 -7.30 7.62 21.87
CA VAL A 144 -7.64 6.74 22.99
C VAL A 144 -8.77 5.76 22.58
N GLU A 145 -8.70 4.49 23.04
CA GLU A 145 -9.73 3.50 22.75
C GLU A 145 -10.97 3.69 23.58
N LYS A 146 -12.14 3.64 22.92
CA LYS A 146 -13.44 3.73 23.60
C LYS A 146 -14.03 2.33 23.83
N GLY A 147 -13.35 1.31 23.33
CA GLY A 147 -13.80 -0.07 23.47
C GLY A 147 -14.88 -0.46 22.48
N GLN A 148 -15.52 -1.59 22.75
CA GLN A 148 -16.57 -2.12 21.88
C GLN A 148 -17.88 -1.36 21.95
N ILE A 149 -18.47 -1.10 20.77
CA ILE A 149 -19.81 -0.52 20.65
C ILE A 149 -20.75 -1.73 20.85
N GLU A 150 -21.40 -1.84 22.03
CA GLU A 150 -22.32 -2.94 22.35
C GLU A 150 -23.67 -2.80 21.63
N THR A 151 -24.22 -3.93 21.11
CA THR A 151 -25.52 -3.95 20.45
C THR A 151 -26.47 -4.94 21.19
N HIS A 152 -27.66 -5.20 20.63
CA HIS A 152 -28.58 -6.15 21.24
C HIS A 152 -27.99 -7.58 21.21
N LEU A 153 -27.46 -7.94 20.04
CA LEU A 153 -26.91 -9.23 19.69
C LEU A 153 -25.40 -9.34 19.88
N ASP A 154 -24.97 -10.50 20.38
CA ASP A 154 -23.54 -10.80 20.50
C ASP A 154 -23.21 -11.58 19.21
N SER A 155 -22.95 -10.83 18.15
CA SER A 155 -22.69 -11.39 16.83
C SER A 155 -21.83 -10.47 15.97
N PHE A 156 -21.40 -11.00 14.79
CA PHE A 156 -20.62 -10.38 13.75
C PHE A 156 -21.23 -9.02 13.40
N ALA A 157 -20.43 -7.94 13.57
CA ALA A 157 -20.84 -6.57 13.34
C ALA A 157 -19.65 -5.79 12.78
N LEU A 158 -19.92 -4.84 11.87
CA LEU A 158 -18.87 -4.10 11.17
C LEU A 158 -19.47 -2.94 10.35
N ASP A 159 -18.59 -2.15 9.68
CA ASP A 159 -18.95 -1.07 8.72
C ASP A 159 -19.81 0.03 9.30
N ALA A 160 -19.66 0.28 10.59
CA ALA A 160 -20.46 1.32 11.20
C ALA A 160 -20.14 2.70 10.69
N THR A 161 -21.19 3.49 10.59
CA THR A 161 -21.14 4.90 10.23
C THR A 161 -22.05 5.66 11.17
N SER A 162 -21.99 6.98 11.12
CA SER A 162 -22.87 7.76 11.95
C SER A 162 -23.33 8.96 11.16
N PHE A 163 -24.48 9.54 11.56
CA PHE A 163 -25.01 10.73 10.94
C PHE A 163 -25.79 11.52 11.96
N GLU A 164 -25.94 12.82 11.67
CA GLU A 164 -26.70 13.73 12.51
C GLU A 164 -28.00 14.10 11.80
N LEU A 165 -29.07 14.21 12.58
CA LEU A 165 -30.40 14.64 12.15
C LEU A 165 -31.17 15.07 13.38
N ASN A 166 -31.84 16.24 13.29
CA ASN A 166 -32.67 16.81 14.36
C ASN A 166 -31.95 16.93 15.71
N ASP A 167 -30.65 17.35 15.67
CA ASP A 167 -29.76 17.53 16.84
C ASP A 167 -29.59 16.24 17.67
N LYS A 168 -29.80 15.10 17.00
CA LYS A 168 -29.63 13.75 17.50
C LYS A 168 -28.54 13.11 16.65
N LEU A 169 -27.87 12.09 17.21
CA LEU A 169 -26.77 11.38 16.57
C LEU A 169 -27.21 9.92 16.38
N TYR A 170 -27.08 9.43 15.15
CA TYR A 170 -27.51 8.08 14.79
C TYR A 170 -26.37 7.23 14.32
N TYR A 171 -26.40 5.96 14.73
CA TYR A 171 -25.39 4.96 14.39
C TYR A 171 -26.02 3.97 13.42
N VAL A 172 -25.34 3.74 12.28
CA VAL A 172 -25.83 2.85 11.23
C VAL A 172 -24.73 1.84 10.95
N TRP A 173 -25.07 0.54 10.98
CA TRP A 173 -24.06 -0.51 10.82
C TRP A 173 -24.61 -1.81 10.23
N ALA A 174 -23.70 -2.76 9.99
CA ALA A 174 -24.02 -4.07 9.45
C ALA A 174 -23.84 -5.09 10.58
N GLN A 175 -24.75 -6.06 10.70
CA GLN A 175 -24.66 -7.05 11.77
C GLN A 175 -25.41 -8.30 11.43
N LYS A 176 -24.85 -9.45 11.82
CA LYS A 176 -25.45 -10.77 11.64
C LYS A 176 -26.59 -11.02 12.65
N ASP A 177 -27.75 -11.53 12.19
CA ASP A 177 -28.82 -11.96 13.09
C ASP A 177 -28.87 -13.47 12.86
N PRO A 178 -28.62 -14.32 13.90
CA PRO A 178 -28.69 -15.78 13.68
C PRO A 178 -30.03 -16.26 13.12
N GLU A 179 -31.11 -15.53 13.40
CA GLU A 179 -32.46 -15.89 12.96
C GLU A 179 -32.83 -15.38 11.56
N ILE A 180 -31.94 -14.63 10.89
CA ILE A 180 -32.17 -14.13 9.52
C ILE A 180 -31.08 -14.67 8.61
N LYS A 181 -31.49 -15.26 7.47
CA LYS A 181 -30.61 -15.81 6.44
C LYS A 181 -29.59 -14.77 5.93
N GLY A 182 -28.34 -15.18 5.82
CA GLY A 182 -27.33 -14.28 5.30
C GLY A 182 -26.28 -13.88 6.29
N ASN A 183 -25.35 -13.05 5.84
CA ASN A 183 -24.21 -12.60 6.66
C ASN A 183 -24.48 -11.41 7.55
N SER A 184 -25.27 -10.45 7.08
CA SER A 184 -25.52 -9.21 7.81
C SER A 184 -26.67 -8.43 7.18
N ASN A 185 -27.30 -7.66 8.02
CA ASN A 185 -28.43 -6.78 7.72
C ASN A 185 -28.00 -5.39 8.18
N LEU A 186 -28.67 -4.34 7.71
CA LEU A 186 -28.39 -2.96 8.17
C LEU A 186 -29.29 -2.61 9.32
N TYR A 187 -28.71 -1.96 10.33
CA TYR A 187 -29.42 -1.53 11.53
C TYR A 187 -29.21 -0.05 11.73
N ILE A 188 -30.12 0.57 12.52
CA ILE A 188 -30.04 1.95 12.96
C ILE A 188 -30.34 1.98 14.47
N ALA A 189 -29.77 2.96 15.18
CA ALA A 189 -30.03 3.25 16.58
C ALA A 189 -29.62 4.68 16.82
N GLU A 190 -30.29 5.32 17.78
CA GLU A 190 -29.92 6.65 18.24
C GLU A 190 -28.75 6.43 19.23
N MET A 191 -27.79 7.35 19.23
CA MET A 191 -26.61 7.29 20.08
C MET A 191 -26.78 8.12 21.35
N GLU A 192 -26.35 7.56 22.51
CA GLU A 192 -26.30 8.24 23.82
C GLU A 192 -25.11 9.23 23.76
N ASN A 193 -23.96 8.74 23.31
CA ASN A 193 -22.74 9.54 23.11
C ASN A 193 -22.11 8.95 21.83
N PRO A 194 -21.00 9.46 21.24
CA PRO A 194 -20.51 8.86 19.99
C PRO A 194 -19.95 7.43 20.08
N TRP A 195 -19.98 6.76 21.26
CA TRP A 195 -19.49 5.37 21.35
C TRP A 195 -20.50 4.41 22.04
N THR A 196 -21.72 4.90 22.34
CA THR A 196 -22.76 4.18 23.06
C THR A 196 -24.15 4.39 22.45
N LEU A 197 -24.89 3.30 22.28
CA LEU A 197 -26.27 3.37 21.79
C LEU A 197 -27.21 3.74 22.91
N LYS A 198 -28.27 4.46 22.56
CA LYS A 198 -29.33 4.92 23.46
C LYS A 198 -30.58 4.03 23.27
N THR A 199 -30.95 3.79 22.02
CA THR A 199 -32.13 3.01 21.66
C THR A 199 -31.70 1.60 21.19
N ALA A 200 -32.66 0.67 21.10
CA ALA A 200 -32.42 -0.71 20.67
C ALA A 200 -32.25 -0.75 19.14
N PRO A 201 -31.36 -1.60 18.58
CA PRO A 201 -31.18 -1.60 17.12
C PRO A 201 -32.47 -1.86 16.36
N VAL A 202 -32.69 -1.11 15.27
CA VAL A 202 -33.85 -1.30 14.40
C VAL A 202 -33.35 -1.77 13.02
N MET A 203 -33.86 -2.92 12.50
CA MET A 203 -33.44 -3.44 11.20
C MET A 203 -34.01 -2.63 10.05
N LEU A 204 -33.14 -2.07 9.22
CA LEU A 204 -33.62 -1.27 8.09
C LEU A 204 -33.66 -2.04 6.82
N SER A 205 -32.72 -3.01 6.68
CA SER A 205 -32.65 -3.83 5.48
C SER A 205 -32.02 -5.17 5.76
N LYS A 206 -32.47 -6.19 5.01
CA LYS A 206 -31.86 -7.52 5.04
C LYS A 206 -31.66 -7.97 3.58
N PRO A 207 -30.61 -8.76 3.24
CA PRO A 207 -30.48 -9.26 1.84
C PRO A 207 -31.69 -10.13 1.47
N GLU A 208 -32.34 -9.84 0.31
CA GLU A 208 -33.53 -10.57 -0.13
C GLU A 208 -33.70 -10.65 -1.65
N PHE A 209 -33.34 -9.58 -2.41
CA PHE A 209 -33.50 -9.54 -3.86
C PHE A 209 -32.32 -10.28 -4.52
N ASP A 210 -32.49 -10.74 -5.77
CA ASP A 210 -31.48 -11.47 -6.57
C ASP A 210 -30.12 -10.79 -6.59
N TRP A 211 -30.11 -9.46 -6.82
CA TRP A 211 -28.90 -8.67 -6.94
C TRP A 211 -28.04 -8.60 -5.65
N GLU A 212 -28.66 -8.87 -4.48
CA GLU A 212 -27.95 -8.79 -3.18
C GLU A 212 -27.68 -10.16 -2.53
N THR A 213 -28.02 -11.25 -3.23
CA THR A 213 -27.90 -12.61 -2.69
C THR A 213 -27.01 -13.51 -3.57
N LYS A 214 -26.23 -12.90 -4.48
CA LYS A 214 -25.33 -13.65 -5.38
C LYS A 214 -24.15 -14.23 -4.55
N ILE A 215 -24.05 -15.59 -4.54
CA ILE A 215 -23.04 -16.40 -3.81
C ILE A 215 -23.32 -16.36 -2.29
N PHE A 216 -23.25 -15.15 -1.69
CA PHE A 216 -23.58 -14.88 -0.30
C PHE A 216 -24.72 -13.84 -0.20
N TRP A 217 -25.57 -13.98 0.85
CA TRP A 217 -26.66 -13.03 1.14
C TRP A 217 -26.04 -11.99 2.05
N VAL A 218 -25.84 -10.78 1.53
CA VAL A 218 -25.12 -9.69 2.22
C VAL A 218 -25.76 -8.32 2.09
N ASN A 219 -25.80 -7.57 3.22
CA ASN A 219 -26.09 -6.12 3.26
C ASN A 219 -25.00 -5.56 4.16
N GLU A 220 -24.18 -4.63 3.64
CA GLU A 220 -23.07 -4.04 4.38
C GLU A 220 -22.68 -2.70 3.80
N GLY A 221 -21.59 -2.13 4.32
CA GLY A 221 -21.07 -0.85 3.88
C GLY A 221 -22.07 0.29 3.85
N PRO A 222 -22.88 0.52 4.92
CA PRO A 222 -23.84 1.66 4.89
C PRO A 222 -23.17 3.04 4.77
N ALA A 223 -23.71 3.89 3.88
CA ALA A 223 -23.22 5.28 3.71
C ALA A 223 -24.43 6.21 3.70
N ILE A 224 -24.36 7.32 4.44
CA ILE A 224 -25.46 8.27 4.56
C ILE A 224 -25.25 9.56 3.72
N LEU A 225 -26.32 10.02 3.08
CA LEU A 225 -26.34 11.23 2.27
C LEU A 225 -27.66 11.97 2.54
N LYS A 226 -27.57 13.26 2.88
CA LYS A 226 -28.73 14.09 3.16
C LYS A 226 -28.83 15.17 2.09
N ARG A 227 -30.01 15.27 1.46
CA ARG A 227 -30.37 16.26 0.43
C ARG A 227 -31.83 16.17 0.06
N ASN A 228 -32.40 17.32 -0.37
CA ASN A 228 -33.77 17.49 -0.88
C ASN A 228 -34.87 16.94 0.07
N GLY A 229 -34.77 17.27 1.37
CA GLY A 229 -35.73 16.83 2.39
C GLY A 229 -35.76 15.31 2.58
N LYS A 230 -34.66 14.63 2.21
CA LYS A 230 -34.54 13.18 2.31
C LYS A 230 -33.24 12.76 2.95
N VAL A 231 -33.19 11.49 3.42
CA VAL A 231 -32.01 10.82 3.95
C VAL A 231 -31.82 9.59 3.08
N PHE A 232 -30.66 9.46 2.48
CA PHE A 232 -30.32 8.37 1.58
C PHE A 232 -29.33 7.49 2.28
N LEU A 233 -29.55 6.20 2.16
CA LEU A 233 -28.68 5.21 2.75
C LEU A 233 -28.29 4.24 1.64
N THR A 234 -27.08 4.40 1.09
CA THR A 234 -26.54 3.45 0.12
C THR A 234 -25.88 2.30 0.93
N PHE A 235 -25.72 1.13 0.31
CA PHE A 235 -25.13 -0.04 0.94
C PHE A 235 -24.63 -0.95 -0.18
N SER A 236 -23.86 -1.96 0.20
CA SER A 236 -23.34 -2.92 -0.76
C SER A 236 -23.93 -4.27 -0.48
N GLY A 237 -24.21 -4.99 -1.56
CA GLY A 237 -24.80 -6.31 -1.52
C GLY A 237 -24.05 -7.35 -2.34
N SER A 238 -24.35 -8.64 -2.08
CA SER A 238 -23.75 -9.85 -2.69
C SER A 238 -22.30 -10.03 -2.26
N ALA A 239 -21.63 -11.09 -2.78
CA ALA A 239 -20.22 -11.38 -2.49
C ALA A 239 -19.31 -10.31 -3.12
N THR A 240 -18.13 -10.09 -2.53
CA THR A 240 -17.12 -9.08 -2.90
C THR A 240 -16.53 -9.19 -4.35
N ASP A 241 -16.98 -10.16 -5.17
CA ASP A 241 -16.48 -10.33 -6.54
C ASP A 241 -17.22 -9.44 -7.56
N GLU A 242 -17.27 -9.85 -8.84
CA GLU A 242 -17.97 -9.19 -9.96
C GLU A 242 -19.44 -8.85 -9.66
N ASN A 243 -20.05 -9.60 -8.71
CA ASN A 243 -21.45 -9.49 -8.30
C ASN A 243 -21.72 -8.37 -7.30
N TYR A 244 -20.69 -7.87 -6.62
CA TYR A 244 -20.80 -6.81 -5.62
C TYR A 244 -21.41 -5.56 -6.31
N ALA A 245 -22.47 -5.00 -5.69
CA ALA A 245 -23.22 -3.85 -6.22
C ALA A 245 -23.75 -3.04 -5.06
N MET A 246 -24.16 -1.79 -5.36
CA MET A 246 -24.70 -0.89 -4.38
C MET A 246 -26.19 -0.80 -4.52
N GLY A 247 -26.85 -0.71 -3.38
CA GLY A 247 -28.30 -0.54 -3.29
C GLY A 247 -28.57 0.73 -2.52
N MET A 248 -29.82 1.10 -2.42
CA MET A 248 -30.17 2.33 -1.72
C MET A 248 -31.53 2.23 -1.01
N LEU A 249 -31.60 2.85 0.17
CA LEU A 249 -32.79 3.06 0.99
C LEU A 249 -32.95 4.58 1.13
N TRP A 250 -34.18 5.06 1.25
CA TRP A 250 -34.45 6.48 1.40
C TRP A 250 -35.64 6.73 2.33
N ILE A 251 -35.63 7.90 2.99
CA ILE A 251 -36.69 8.31 3.91
C ILE A 251 -36.87 9.83 3.79
N GLU A 252 -38.12 10.32 4.00
CA GLU A 252 -38.39 11.76 4.06
C GLU A 252 -37.78 12.18 5.40
N ASP A 253 -36.98 13.26 5.42
CA ASP A 253 -36.23 13.63 6.62
C ASP A 253 -37.09 14.17 7.79
N ASP A 254 -38.42 14.33 7.60
CA ASP A 254 -39.30 14.79 8.68
C ASP A 254 -40.01 13.60 9.32
N LYS A 255 -39.61 12.36 8.92
CA LYS A 255 -40.17 11.12 9.47
C LYS A 255 -39.24 10.54 10.53
N ASP A 256 -39.78 9.68 11.39
CA ASP A 256 -38.99 8.99 12.41
C ASP A 256 -38.03 8.00 11.70
N VAL A 257 -36.70 8.25 11.81
CA VAL A 257 -35.66 7.40 11.20
C VAL A 257 -35.56 6.04 11.88
N LEU A 258 -36.09 5.94 13.11
CA LEU A 258 -36.07 4.72 13.91
C LEU A 258 -37.26 3.78 13.62
N ASP A 259 -38.16 4.21 12.73
CA ASP A 259 -39.30 3.40 12.32
C ASP A 259 -38.99 2.88 10.91
N ALA A 260 -38.59 1.60 10.80
CA ALA A 260 -38.22 0.91 9.54
C ALA A 260 -39.28 1.02 8.43
N ALA A 261 -40.59 1.14 8.81
CA ALA A 261 -41.71 1.27 7.87
C ALA A 261 -41.65 2.58 7.09
N ASN A 262 -40.92 3.59 7.60
CA ASN A 262 -40.75 4.88 6.93
C ASN A 262 -39.68 4.84 5.82
N TRP A 263 -38.76 3.89 5.90
CA TRP A 263 -37.68 3.78 4.91
C TRP A 263 -38.13 2.94 3.71
N HIS A 264 -37.75 3.36 2.51
CA HIS A 264 -38.06 2.68 1.27
C HIS A 264 -36.78 2.08 0.77
N LYS A 265 -36.86 0.81 0.32
CA LYS A 265 -35.71 0.11 -0.24
C LYS A 265 -35.95 -0.02 -1.73
N LEU A 266 -34.96 0.38 -2.54
CA LEU A 266 -35.06 0.22 -3.99
C LEU A 266 -34.82 -1.29 -4.26
N ASP A 267 -35.62 -1.91 -5.13
CA ASP A 267 -35.50 -3.35 -5.41
C ASP A 267 -34.42 -3.71 -6.46
N HIS A 268 -33.59 -2.73 -6.85
CA HIS A 268 -32.59 -2.84 -7.91
C HIS A 268 -31.29 -2.11 -7.50
N PRO A 269 -30.11 -2.47 -8.08
CA PRO A 269 -28.88 -1.75 -7.72
C PRO A 269 -28.92 -0.31 -8.27
N VAL A 270 -28.23 0.59 -7.60
CA VAL A 270 -28.13 1.99 -8.02
C VAL A 270 -26.76 2.21 -8.66
N PHE A 271 -25.86 1.22 -8.50
CA PHE A 271 -24.49 1.25 -9.02
C PHE A 271 -24.02 -0.18 -9.07
N GLN A 272 -23.37 -0.55 -10.16
CA GLN A 272 -22.90 -1.93 -10.32
C GLN A 272 -21.73 -2.02 -11.28
N SER A 273 -21.19 -3.25 -11.43
CA SER A 273 -20.09 -3.58 -12.31
C SER A 273 -20.32 -3.10 -13.74
N ASP A 274 -19.22 -2.75 -14.42
CA ASP A 274 -19.25 -2.43 -15.84
C ASP A 274 -18.27 -3.44 -16.42
N MET A 275 -18.80 -4.61 -16.80
CA MET A 275 -18.02 -5.74 -17.34
C MET A 275 -17.21 -5.35 -18.56
N GLU A 276 -17.85 -4.60 -19.49
CA GLU A 276 -17.24 -4.12 -20.73
C GLU A 276 -15.96 -3.31 -20.44
N ASN A 277 -15.99 -2.43 -19.41
CA ASN A 277 -14.88 -1.57 -19.03
C ASN A 277 -13.95 -2.14 -17.92
N GLY A 278 -14.13 -3.42 -17.59
CA GLY A 278 -13.33 -4.11 -16.59
C GLY A 278 -13.39 -3.50 -15.20
N LEU A 279 -14.57 -3.00 -14.79
CA LEU A 279 -14.77 -2.41 -13.45
C LEU A 279 -15.59 -3.41 -12.65
N TYR A 280 -14.92 -4.24 -11.84
CA TYR A 280 -15.58 -5.33 -11.12
C TYR A 280 -15.88 -5.08 -9.68
N GLY A 281 -17.17 -5.17 -9.35
CA GLY A 281 -17.68 -5.09 -7.98
C GLY A 281 -17.49 -3.76 -7.29
N PRO A 282 -17.97 -2.63 -7.86
CA PRO A 282 -17.86 -1.36 -7.15
C PRO A 282 -18.67 -1.44 -5.87
N GLY A 283 -18.06 -0.97 -4.78
CA GLY A 283 -18.77 -1.05 -3.53
C GLY A 283 -18.07 -0.39 -2.37
N HIS A 284 -18.69 -0.57 -1.19
CA HIS A 284 -18.30 0.02 0.08
C HIS A 284 -18.01 1.49 -0.16
N ASN A 285 -19.06 2.18 -0.60
CA ASN A 285 -19.01 3.58 -0.95
C ASN A 285 -19.07 4.52 0.25
N SER A 286 -18.67 5.77 0.00
CA SER A 286 -18.71 6.92 0.89
C SER A 286 -18.92 8.15 -0.02
N PHE A 287 -19.10 9.34 0.56
CA PHE A 287 -19.33 10.52 -0.25
C PHE A 287 -18.47 11.64 0.21
N THR A 288 -18.23 12.60 -0.70
CA THR A 288 -17.52 13.82 -0.39
C THR A 288 -17.96 14.89 -1.41
N VAL A 289 -17.31 16.06 -1.37
CA VAL A 289 -17.61 17.18 -2.25
C VAL A 289 -16.31 17.57 -2.94
N ALA A 290 -16.36 17.93 -4.26
CA ALA A 290 -15.19 18.37 -5.03
C ALA A 290 -14.61 19.69 -4.50
N GLU A 291 -13.45 20.10 -5.06
CA GLU A 291 -12.74 21.31 -4.67
C GLU A 291 -13.56 22.58 -4.94
N ASP A 292 -14.57 22.50 -5.83
CA ASP A 292 -15.44 23.65 -6.12
C ASP A 292 -16.45 23.89 -4.99
N GLY A 293 -16.56 22.96 -4.04
CA GLY A 293 -17.47 23.06 -2.91
C GLY A 293 -18.94 22.86 -3.23
N GLU A 294 -19.25 22.37 -4.46
CA GLU A 294 -20.61 22.16 -4.98
C GLU A 294 -20.82 20.78 -5.58
N THR A 295 -19.84 20.28 -6.37
CA THR A 295 -19.98 19.00 -7.03
C THR A 295 -19.90 17.84 -6.05
N ASP A 296 -20.93 16.97 -6.07
CA ASP A 296 -20.99 15.79 -5.21
C ASP A 296 -20.13 14.68 -5.75
N LEU A 297 -19.40 14.02 -4.85
CA LEU A 297 -18.54 12.93 -5.25
C LEU A 297 -18.89 11.64 -4.60
N LEU A 298 -18.88 10.57 -5.41
CA LEU A 298 -19.09 9.19 -4.97
C LEU A 298 -17.70 8.58 -4.85
N VAL A 299 -17.41 7.99 -3.68
CA VAL A 299 -16.09 7.37 -3.38
C VAL A 299 -16.35 5.89 -3.14
N TYR A 300 -15.63 5.03 -3.86
CA TYR A 300 -15.87 3.59 -3.70
C TYR A 300 -14.63 2.82 -4.12
N HIS A 301 -14.55 1.52 -3.79
CA HIS A 301 -13.44 0.67 -4.24
C HIS A 301 -13.92 -0.27 -5.36
N VAL A 302 -13.00 -0.74 -6.18
CA VAL A 302 -13.32 -1.59 -7.34
C VAL A 302 -12.13 -2.51 -7.67
N ARG A 303 -12.37 -3.56 -8.44
CA ARG A 303 -11.32 -4.48 -8.90
C ARG A 303 -11.20 -4.38 -10.40
N ASN A 304 -9.98 -4.60 -10.96
CA ASN A 304 -9.74 -4.55 -12.41
C ASN A 304 -9.47 -5.94 -13.00
N TYR A 305 -9.54 -6.99 -12.17
CA TYR A 305 -9.43 -8.37 -12.63
C TYR A 305 -10.29 -9.31 -11.79
N LEU A 306 -10.55 -10.50 -12.33
CA LEU A 306 -11.38 -11.56 -11.74
C LEU A 306 -10.55 -12.78 -11.26
N ASP A 307 -9.38 -13.00 -11.87
CA ASP A 307 -8.53 -14.16 -11.60
C ASP A 307 -7.68 -13.99 -10.31
N ILE A 308 -8.36 -14.02 -9.16
CA ILE A 308 -7.71 -13.92 -7.85
C ILE A 308 -7.04 -15.28 -7.52
N LYS A 309 -5.75 -15.27 -7.13
CA LYS A 309 -4.98 -16.46 -6.71
C LYS A 309 -4.69 -16.34 -5.21
N GLY A 310 -4.61 -17.47 -4.53
CA GLY A 310 -4.40 -17.51 -3.08
C GLY A 310 -5.67 -17.13 -2.35
N ASP A 311 -5.55 -16.80 -1.06
CA ASP A 311 -6.70 -16.36 -0.25
C ASP A 311 -7.16 -14.98 -0.78
N PRO A 312 -8.45 -14.79 -1.25
CA PRO A 312 -8.85 -13.48 -1.79
C PRO A 312 -8.79 -12.35 -0.78
N LEU A 313 -8.87 -12.69 0.51
CA LEU A 313 -8.77 -11.71 1.60
C LEU A 313 -7.45 -10.97 1.55
N TYR A 314 -6.39 -11.67 1.12
CA TYR A 314 -5.05 -11.11 1.07
C TYR A 314 -4.62 -10.66 -0.34
N ASP A 315 -5.60 -10.59 -1.26
CA ASP A 315 -5.34 -10.02 -2.59
C ASP A 315 -5.59 -8.53 -2.38
N PRO A 316 -4.55 -7.70 -2.56
CA PRO A 316 -4.67 -6.30 -2.14
C PRO A 316 -5.22 -5.33 -3.19
N ASN A 317 -5.68 -5.84 -4.32
CA ASN A 317 -5.97 -4.99 -5.45
C ASN A 317 -7.41 -4.47 -5.60
N ARG A 318 -8.02 -4.03 -4.49
CA ARG A 318 -9.24 -3.23 -4.53
C ARG A 318 -8.72 -1.79 -4.51
N HIS A 319 -9.01 -1.04 -5.58
CA HIS A 319 -8.49 0.35 -5.74
C HIS A 319 -9.56 1.40 -5.48
N THR A 320 -9.18 2.57 -4.94
CA THR A 320 -10.14 3.66 -4.61
C THR A 320 -10.46 4.55 -5.83
N MET A 321 -11.75 4.66 -6.12
CA MET A 321 -12.28 5.46 -7.21
C MET A 321 -13.00 6.67 -6.66
N VAL A 322 -12.93 7.79 -7.38
CA VAL A 322 -13.59 9.06 -7.06
C VAL A 322 -14.23 9.61 -8.34
N GLN A 323 -15.53 9.87 -8.30
CA GLN A 323 -16.27 10.37 -9.47
C GLN A 323 -17.51 11.17 -9.05
N PRO A 324 -17.85 12.21 -9.84
CA PRO A 324 -19.04 13.00 -9.51
C PRO A 324 -20.35 12.27 -9.77
N PHE A 325 -21.40 12.75 -9.15
CA PHE A 325 -22.74 12.21 -9.36
C PHE A 325 -23.70 13.37 -9.45
N GLU A 326 -24.84 13.14 -10.09
CA GLU A 326 -25.86 14.17 -10.35
C GLU A 326 -27.13 13.85 -9.57
N TRP A 327 -28.17 14.67 -9.72
CA TRP A 327 -29.49 14.53 -9.09
C TRP A 327 -30.60 14.62 -10.13
N ASP A 328 -31.62 13.79 -10.00
CA ASP A 328 -32.78 13.81 -10.92
C ASP A 328 -33.84 14.85 -10.51
N ASP A 329 -34.93 15.01 -11.29
CA ASP A 329 -35.99 16.00 -11.01
C ASP A 329 -36.83 15.68 -9.73
N GLU A 330 -36.71 14.45 -9.20
CA GLU A 330 -37.39 14.01 -7.98
C GLU A 330 -36.50 14.24 -6.75
N GLY A 331 -35.28 14.73 -6.99
CA GLY A 331 -34.30 15.01 -5.94
C GLY A 331 -33.55 13.80 -5.46
N PHE A 332 -33.47 12.75 -6.31
CA PHE A 332 -32.77 11.50 -6.05
C PHE A 332 -31.37 11.50 -6.68
N PRO A 333 -30.31 10.93 -6.03
CA PRO A 333 -28.98 10.91 -6.68
C PRO A 333 -28.95 9.97 -7.91
N VAL A 334 -28.20 10.31 -8.94
CA VAL A 334 -28.03 9.53 -10.16
C VAL A 334 -26.53 9.19 -10.18
N PHE A 335 -26.17 7.91 -9.90
CA PHE A 335 -24.76 7.53 -9.84
C PHE A 335 -24.17 7.10 -11.19
N GLY A 336 -25.01 6.66 -12.12
CA GLY A 336 -24.59 6.22 -13.44
C GLY A 336 -23.70 4.97 -13.41
N LYS A 337 -22.61 5.00 -14.18
CA LYS A 337 -21.67 3.88 -14.27
C LYS A 337 -20.31 4.20 -13.62
N PRO A 338 -19.58 3.16 -13.15
CA PRO A 338 -18.20 3.39 -12.69
C PRO A 338 -17.40 4.01 -13.85
N GLN A 339 -16.67 5.07 -13.56
CA GLN A 339 -15.88 5.76 -14.55
C GLN A 339 -14.75 4.86 -15.09
N PRO A 340 -14.50 4.82 -16.43
CA PRO A 340 -13.35 4.04 -16.90
C PRO A 340 -12.01 4.51 -16.29
N PHE A 341 -11.09 3.56 -16.18
CA PHE A 341 -9.76 3.81 -15.63
C PHE A 341 -8.95 4.66 -16.58
N THR A 342 -7.96 5.39 -16.02
CA THR A 342 -7.00 6.18 -16.76
C THR A 342 -5.70 5.37 -16.84
N PHE A 343 -5.08 5.29 -18.04
CA PHE A 343 -3.78 4.63 -18.21
C PHE A 343 -2.77 5.64 -18.67
N ASN A 344 -1.82 6.00 -17.79
CA ASN A 344 -0.76 6.95 -18.11
C ASN A 344 0.62 6.25 -18.03
N THR B 22 12.95 21.47 -17.57
CA THR B 22 13.43 20.92 -16.31
C THR B 22 12.50 19.78 -15.85
N VAL B 23 13.01 18.53 -15.88
CA VAL B 23 12.28 17.35 -15.43
C VAL B 23 12.06 17.43 -13.91
N ARG B 24 10.80 17.30 -13.47
CA ARG B 24 10.47 17.30 -12.04
C ARG B 24 9.17 16.54 -11.80
N TYR B 25 9.19 15.66 -10.80
CA TYR B 25 8.03 14.88 -10.40
C TYR B 25 7.55 15.36 -9.07
N GLU B 26 6.25 15.26 -8.81
CA GLU B 26 5.71 15.63 -7.51
C GLU B 26 5.98 14.47 -6.58
N ASN B 27 6.83 14.72 -5.57
CA ASN B 27 7.27 13.68 -4.67
C ASN B 27 6.54 13.68 -3.32
N PRO B 28 6.42 12.50 -2.66
CA PRO B 28 6.85 11.18 -3.16
C PRO B 28 5.98 10.69 -4.32
N VAL B 29 6.59 10.06 -5.34
CA VAL B 29 5.88 9.47 -6.49
C VAL B 29 4.99 8.29 -6.03
N ILE B 30 5.56 7.37 -5.22
CA ILE B 30 4.79 6.20 -4.70
C ILE B 30 4.78 6.20 -3.18
N ILE B 31 3.58 6.16 -2.61
CA ILE B 31 3.39 6.13 -1.17
C ILE B 31 3.56 4.69 -0.71
N GLN B 32 4.23 4.49 0.42
CA GLN B 32 4.42 3.20 1.09
C GLN B 32 4.99 2.08 0.16
N ARG B 33 6.11 2.38 -0.52
CA ARG B 33 6.92 1.43 -1.29
C ARG B 33 8.38 1.68 -0.98
N ALA B 34 9.05 0.66 -0.47
CA ALA B 34 10.46 0.71 -0.08
C ALA B 34 11.22 -0.09 -1.10
N ASP B 35 12.55 0.09 -1.16
CA ASP B 35 13.45 -0.60 -2.11
C ASP B 35 12.89 -0.43 -3.55
N PRO B 36 12.60 0.82 -3.97
CA PRO B 36 12.00 1.01 -5.30
C PRO B 36 12.93 0.69 -6.46
N TYR B 37 12.36 0.04 -7.46
CA TYR B 37 13.11 -0.36 -8.64
C TYR B 37 12.27 -0.11 -9.85
N ILE B 38 12.82 0.66 -10.79
CA ILE B 38 12.12 0.95 -12.03
C ILE B 38 12.98 0.49 -13.18
N TYR B 39 12.38 -0.28 -14.10
CA TYR B 39 13.00 -0.75 -15.33
C TYR B 39 12.18 -0.25 -16.52
N LYS B 40 12.78 0.59 -17.40
CA LYS B 40 12.11 1.11 -18.59
C LYS B 40 12.37 0.11 -19.72
N HIS B 41 11.30 -0.53 -20.18
CA HIS B 41 11.37 -1.54 -21.23
C HIS B 41 11.27 -0.93 -22.63
N THR B 42 11.60 -1.75 -23.62
CA THR B 42 11.63 -1.33 -25.02
C THR B 42 10.21 -1.18 -25.65
N ASP B 43 9.14 -1.53 -24.90
CA ASP B 43 7.72 -1.40 -25.29
C ASP B 43 7.14 -0.03 -24.85
N GLY B 44 8.01 0.84 -24.35
CA GLY B 44 7.68 2.15 -23.82
C GLY B 44 7.33 2.15 -22.34
N TYR B 45 7.03 0.99 -21.76
CA TYR B 45 6.64 0.95 -20.36
C TYR B 45 7.74 1.04 -19.33
N TYR B 46 7.43 1.75 -18.23
CA TYR B 46 8.22 1.74 -17.02
C TYR B 46 7.59 0.65 -16.21
N TYR B 47 8.36 -0.35 -15.74
CA TYR B 47 7.87 -1.39 -14.85
C TYR B 47 8.35 -1.03 -13.46
N PHE B 48 7.43 -0.99 -12.48
CA PHE B 48 7.82 -0.66 -11.12
C PHE B 48 7.69 -1.88 -10.24
N VAL B 49 8.75 -2.16 -9.45
CA VAL B 49 8.79 -3.30 -8.52
C VAL B 49 9.45 -2.78 -7.21
N ALA B 50 8.92 -3.19 -6.07
CA ALA B 50 9.42 -2.70 -4.79
C ALA B 50 9.00 -3.65 -3.69
N SER B 51 9.47 -3.41 -2.45
CA SER B 51 9.02 -4.20 -1.30
C SER B 51 7.64 -3.64 -0.90
N VAL B 52 6.66 -4.54 -0.70
CA VAL B 52 5.32 -4.13 -0.23
C VAL B 52 5.31 -4.10 1.32
N PRO B 53 4.55 -3.23 2.01
CA PRO B 53 4.66 -3.17 3.50
C PRO B 53 4.49 -4.50 4.27
N ALA B 54 3.64 -5.41 3.75
CA ALA B 54 3.42 -6.72 4.37
C ALA B 54 4.55 -7.70 4.02
N TYR B 55 5.44 -7.37 3.03
CA TYR B 55 6.58 -8.23 2.62
C TYR B 55 6.11 -9.65 2.29
N ASN B 56 4.94 -9.76 1.64
CA ASN B 56 4.31 -11.08 1.44
C ASN B 56 4.20 -11.54 0.01
N LEU B 57 4.57 -10.70 -0.94
CA LEU B 57 4.45 -11.08 -2.35
C LEU B 57 5.32 -10.18 -3.19
N ILE B 58 5.51 -10.56 -4.47
CA ILE B 58 6.19 -9.72 -5.46
C ILE B 58 5.08 -9.27 -6.42
N GLU B 59 4.96 -7.95 -6.62
CA GLU B 59 4.00 -7.42 -7.58
C GLU B 59 4.71 -6.49 -8.54
N LEU B 60 4.10 -6.33 -9.71
CA LEU B 60 4.59 -5.42 -10.74
C LEU B 60 3.47 -4.50 -11.12
N ARG B 61 3.85 -3.27 -11.49
CA ARG B 61 2.94 -2.28 -12.06
C ARG B 61 3.64 -1.62 -13.22
N ARG B 62 2.87 -1.10 -14.17
CA ARG B 62 3.49 -0.47 -15.33
C ARG B 62 2.73 0.76 -15.79
N ALA B 63 3.46 1.72 -16.37
CA ALA B 63 2.91 2.97 -16.92
C ALA B 63 3.88 3.54 -17.96
N LYS B 64 3.40 4.46 -18.79
CA LYS B 64 4.24 5.07 -19.80
C LYS B 64 4.95 6.30 -19.23
N THR B 65 4.52 6.77 -18.05
CA THR B 65 5.08 7.93 -17.38
C THR B 65 5.40 7.57 -15.92
N ILE B 66 6.34 8.31 -15.33
CA ILE B 66 6.72 8.15 -13.92
C ILE B 66 5.52 8.48 -13.00
N ASP B 67 4.86 9.66 -13.18
CA ASP B 67 3.69 10.07 -12.38
C ASP B 67 2.57 9.04 -12.45
N GLY B 68 2.40 8.44 -13.62
CA GLY B 68 1.42 7.40 -13.93
C GLY B 68 1.53 6.17 -13.06
N LEU B 69 2.77 5.84 -12.55
CA LEU B 69 2.96 4.68 -11.67
C LEU B 69 2.17 4.82 -10.38
N ALA B 70 1.90 6.08 -9.91
CA ALA B 70 1.09 6.33 -8.71
C ALA B 70 -0.37 5.87 -8.89
N HIS B 71 -0.85 5.66 -10.12
CA HIS B 71 -2.24 5.27 -10.42
C HIS B 71 -2.27 3.97 -11.23
N ALA B 72 -1.11 3.27 -11.32
CA ALA B 72 -0.97 2.01 -12.04
C ALA B 72 -1.35 0.84 -11.14
N MET B 73 -2.27 0.02 -11.64
CA MET B 73 -2.84 -1.09 -10.92
C MET B 73 -1.92 -2.29 -10.95
N PRO B 74 -1.43 -2.74 -9.79
CA PRO B 74 -0.47 -3.85 -9.77
C PRO B 74 -1.07 -5.20 -10.11
N ARG B 75 -0.20 -6.11 -10.49
CA ARG B 75 -0.52 -7.53 -10.64
C ARG B 75 0.51 -8.28 -9.81
N THR B 76 0.06 -9.28 -9.06
CA THR B 76 0.93 -10.15 -8.27
C THR B 76 1.51 -11.19 -9.20
N ILE B 77 2.82 -11.30 -9.21
CA ILE B 77 3.53 -12.28 -10.04
C ILE B 77 3.99 -13.48 -9.22
N TRP B 78 4.07 -13.34 -7.88
CA TRP B 78 4.55 -14.41 -7.01
C TRP B 78 4.16 -14.15 -5.58
N ARG B 79 3.68 -15.19 -4.89
CA ARG B 79 3.26 -15.07 -3.51
C ARG B 79 4.19 -15.88 -2.63
N LYS B 80 4.48 -15.38 -1.41
CA LYS B 80 5.34 -16.10 -0.47
C LYS B 80 4.77 -17.49 -0.14
N HIS B 81 5.63 -18.42 0.26
CA HIS B 81 5.19 -19.74 0.67
C HIS B 81 4.49 -19.62 2.02
N ASP B 82 3.59 -20.52 2.34
CA ASP B 82 2.91 -20.49 3.63
C ASP B 82 3.88 -20.47 4.81
N SER B 83 3.53 -19.73 5.86
CA SER B 83 4.33 -19.67 7.07
C SER B 83 4.55 -21.07 7.66
N GLY B 84 5.79 -21.36 8.10
CA GLY B 84 6.16 -22.64 8.69
C GLY B 84 6.64 -23.71 7.72
N THR B 85 6.66 -23.41 6.41
CA THR B 85 7.06 -24.40 5.40
C THR B 85 8.55 -24.34 4.99
N GLY B 86 9.30 -23.40 5.56
CA GLY B 86 10.71 -23.26 5.24
C GLY B 86 11.07 -22.02 4.45
N ALA B 87 12.11 -22.12 3.59
CA ALA B 87 12.59 -20.98 2.79
C ALA B 87 11.48 -20.30 1.98
N GLN B 88 11.59 -18.98 1.73
CA GLN B 88 10.66 -18.19 0.91
C GLN B 88 9.28 -18.04 1.56
N SER B 89 9.19 -18.23 2.88
CA SER B 89 7.91 -18.18 3.59
C SER B 89 7.68 -16.87 4.33
N GLU B 90 8.72 -16.04 4.44
CA GLU B 90 8.61 -14.78 5.18
C GLU B 90 9.43 -13.66 4.58
N LEU B 91 9.02 -12.42 4.88
CA LEU B 91 9.76 -11.18 4.62
C LEU B 91 10.40 -11.11 3.23
N ILE B 92 9.55 -11.04 2.21
CA ILE B 92 9.94 -10.95 0.80
C ILE B 92 10.45 -9.55 0.59
N TRP B 93 11.77 -9.41 0.35
CA TRP B 93 12.41 -8.09 0.30
C TRP B 93 13.13 -7.75 -0.96
N ALA B 94 13.02 -6.47 -1.35
CA ALA B 94 13.75 -5.79 -2.42
C ALA B 94 13.83 -6.55 -3.74
N PRO B 95 12.67 -6.80 -4.38
CA PRO B 95 12.71 -7.43 -5.71
C PRO B 95 13.16 -6.46 -6.80
N GLU B 96 13.91 -6.96 -7.80
CA GLU B 96 14.32 -6.17 -8.97
C GLU B 96 13.94 -6.98 -10.17
N LEU B 97 13.37 -6.33 -11.18
CA LEU B 97 13.01 -6.95 -12.45
C LEU B 97 14.09 -6.75 -13.52
N HIS B 98 14.57 -7.86 -14.11
CA HIS B 98 15.60 -7.81 -15.14
C HIS B 98 15.13 -8.52 -16.38
N TYR B 99 15.51 -7.98 -17.53
CA TYR B 99 15.22 -8.56 -18.84
C TYR B 99 16.59 -9.00 -19.34
N THR B 100 16.87 -10.31 -19.28
CA THR B 100 18.15 -10.89 -19.62
C THR B 100 17.98 -11.97 -20.67
N ASP B 101 18.61 -11.79 -21.83
CA ASP B 101 18.59 -12.71 -22.97
C ASP B 101 17.16 -13.09 -23.40
N GLY B 102 16.28 -12.10 -23.45
CA GLY B 102 14.89 -12.24 -23.87
C GLY B 102 13.93 -12.83 -22.86
N LYS B 103 14.37 -12.96 -21.60
CA LYS B 103 13.53 -13.55 -20.55
C LYS B 103 13.52 -12.66 -19.31
N TRP B 104 12.41 -12.70 -18.55
CA TRP B 104 12.24 -11.94 -17.31
C TRP B 104 12.74 -12.70 -16.12
N TYR B 105 13.43 -11.99 -15.24
CA TYR B 105 13.91 -12.54 -13.97
C TYR B 105 13.64 -11.52 -12.90
N VAL B 106 13.33 -11.99 -11.71
CA VAL B 106 13.21 -11.13 -10.55
C VAL B 106 14.16 -11.68 -9.49
N TYR B 107 15.03 -10.82 -8.95
CA TYR B 107 15.91 -11.15 -7.84
C TYR B 107 15.27 -10.62 -6.58
N TYR B 108 15.20 -11.44 -5.53
CA TYR B 108 14.59 -11.03 -4.26
C TYR B 108 15.21 -11.84 -3.13
N ALA B 109 15.03 -11.37 -1.91
CA ALA B 109 15.51 -12.07 -0.73
C ALA B 109 14.28 -12.50 0.03
N ALA B 110 14.40 -13.59 0.81
CA ALA B 110 13.30 -14.14 1.59
C ALA B 110 13.88 -14.93 2.76
N SER B 111 13.10 -15.07 3.84
CA SER B 111 13.56 -15.81 5.01
C SER B 111 12.60 -16.97 5.30
N HIS B 112 13.08 -17.96 6.08
CA HIS B 112 12.26 -19.08 6.52
C HIS B 112 11.51 -18.69 7.80
N THR B 113 11.84 -17.51 8.37
CA THR B 113 11.32 -17.00 9.64
C THR B 113 11.42 -15.50 9.75
N THR B 114 10.56 -14.91 10.56
CA THR B 114 10.59 -13.47 10.86
C THR B 114 11.57 -13.24 12.02
N ALA B 115 11.99 -14.31 12.73
CA ALA B 115 12.87 -14.19 13.89
C ALA B 115 14.30 -13.79 13.57
N PHE B 116 14.90 -13.02 14.50
CA PHE B 116 16.30 -12.62 14.45
C PHE B 116 17.05 -13.85 14.91
N ASP B 117 18.29 -14.02 14.48
CA ASP B 117 19.10 -15.14 14.95
C ASP B 117 19.76 -14.72 16.29
N GLU B 118 20.64 -15.57 16.83
CA GLU B 118 21.45 -15.37 18.04
C GLU B 118 22.19 -14.01 18.04
N ASN B 119 22.53 -13.48 16.84
CA ASN B 119 23.24 -12.20 16.70
C ASN B 119 22.32 -11.00 16.41
N GLY B 120 21.02 -11.18 16.63
CA GLY B 120 20.01 -10.15 16.39
C GLY B 120 19.88 -9.76 14.93
N MET B 121 20.21 -10.69 14.02
CA MET B 121 20.16 -10.40 12.57
C MET B 121 19.11 -11.23 11.84
N PHE B 122 18.59 -10.70 10.74
CA PHE B 122 17.62 -11.38 9.86
C PHE B 122 18.29 -12.57 9.17
N GLN B 123 17.49 -13.54 8.69
CA GLN B 123 18.03 -14.81 8.22
C GLN B 123 17.78 -15.09 6.74
N HIS B 124 17.62 -14.02 5.95
CA HIS B 124 17.38 -14.08 4.51
C HIS B 124 18.44 -14.80 3.73
N ARG B 125 17.97 -15.34 2.61
CA ARG B 125 18.79 -15.88 1.55
C ARG B 125 18.33 -15.23 0.23
N MET B 126 19.04 -15.43 -0.87
CA MET B 126 18.71 -14.81 -2.18
C MET B 126 18.05 -15.81 -3.08
N PHE B 127 17.05 -15.35 -3.84
CA PHE B 127 16.27 -16.26 -4.71
C PHE B 127 16.03 -15.61 -6.07
N ALA B 128 15.46 -16.37 -6.99
CA ALA B 128 15.10 -15.81 -8.29
C ALA B 128 13.88 -16.55 -8.83
N ILE B 129 13.04 -15.82 -9.55
CA ILE B 129 11.88 -16.36 -10.28
C ILE B 129 12.09 -15.96 -11.76
N GLU B 130 11.56 -16.76 -12.69
CA GLU B 130 11.74 -16.53 -14.11
C GLU B 130 10.42 -16.59 -14.88
N CYS B 131 10.30 -15.72 -15.90
CA CYS B 131 9.13 -15.72 -16.77
C CYS B 131 9.60 -15.55 -18.22
N ASP B 132 9.32 -16.58 -19.04
CA ASP B 132 9.69 -16.59 -20.44
C ASP B 132 8.68 -15.88 -21.35
N ALA B 133 7.41 -15.74 -20.89
CA ALA B 133 6.34 -15.06 -21.63
C ALA B 133 6.67 -13.57 -21.83
N GLU B 134 6.22 -13.02 -22.97
CA GLU B 134 6.47 -11.63 -23.38
C GLU B 134 5.97 -10.64 -22.32
N ASP B 135 4.72 -10.84 -21.85
CA ASP B 135 4.10 -9.99 -20.85
C ASP B 135 4.44 -10.51 -19.42
N PRO B 136 5.29 -9.79 -18.64
CA PRO B 136 5.62 -10.26 -17.28
C PRO B 136 4.45 -10.10 -16.29
N MET B 137 3.38 -9.38 -16.71
CA MET B 137 2.21 -9.08 -15.90
CA MET B 137 2.22 -9.13 -15.85
C MET B 137 1.00 -9.94 -16.24
N GLU B 138 1.12 -10.77 -17.28
CA GLU B 138 0.01 -11.60 -17.77
C GLU B 138 -0.61 -12.50 -16.70
N THR B 139 0.21 -13.27 -15.99
CA THR B 139 -0.25 -14.21 -14.95
C THR B 139 0.90 -14.73 -14.13
N GLU B 140 0.67 -14.88 -12.81
CA GLU B 140 1.66 -15.44 -11.90
C GLU B 140 2.03 -16.88 -12.29
N GLU B 141 1.14 -17.56 -13.02
CA GLU B 141 1.29 -18.92 -13.55
C GLU B 141 2.43 -19.02 -14.58
N ASN B 142 2.88 -17.86 -15.15
CA ASN B 142 3.99 -17.78 -16.10
C ASN B 142 5.34 -17.72 -15.39
N TRP B 143 5.32 -17.42 -14.08
CA TRP B 143 6.52 -17.28 -13.27
C TRP B 143 6.92 -18.61 -12.61
N VAL B 144 8.19 -18.97 -12.71
CA VAL B 144 8.69 -20.23 -12.15
C VAL B 144 9.83 -19.93 -11.18
N GLU B 145 9.87 -20.66 -10.06
CA GLU B 145 10.94 -20.50 -9.08
C GLU B 145 12.22 -21.13 -9.55
N LYS B 146 13.30 -20.37 -9.43
CA LYS B 146 14.65 -20.86 -9.75
C LYS B 146 15.38 -21.33 -8.49
N GLY B 147 14.80 -21.05 -7.33
CA GLY B 147 15.39 -21.43 -6.06
C GLY B 147 16.45 -20.47 -5.57
N GLN B 148 17.15 -20.91 -4.53
CA GLN B 148 18.18 -20.14 -3.87
C GLN B 148 19.41 -19.92 -4.72
N ILE B 149 19.92 -18.67 -4.76
CA ILE B 149 21.16 -18.38 -5.48
C ILE B 149 22.25 -18.61 -4.43
N GLU B 150 22.99 -19.69 -4.60
CA GLU B 150 23.98 -20.11 -3.62
C GLU B 150 25.30 -19.40 -3.79
N THR B 151 25.95 -19.15 -2.66
CA THR B 151 27.22 -18.43 -2.65
C THR B 151 28.27 -19.25 -1.97
N HIS B 152 29.44 -18.65 -1.67
CA HIS B 152 30.46 -19.35 -0.93
C HIS B 152 29.96 -19.62 0.51
N LEU B 153 29.57 -18.54 1.22
CA LEU B 153 29.10 -18.51 2.60
C LEU B 153 27.63 -18.86 2.81
N ASP B 154 27.33 -19.72 3.81
CA ASP B 154 25.94 -20.01 4.16
C ASP B 154 25.61 -18.96 5.23
N SER B 155 25.18 -17.77 4.77
CA SER B 155 24.93 -16.64 5.63
C SER B 155 23.93 -15.69 5.03
N PHE B 156 23.49 -14.71 5.85
CA PHE B 156 22.57 -13.65 5.51
C PHE B 156 22.97 -12.98 4.20
N ALA B 157 22.09 -13.02 3.17
CA ALA B 157 22.36 -12.39 1.85
C ALA B 157 21.06 -11.80 1.30
N LEU B 158 21.16 -10.71 0.53
CA LEU B 158 19.99 -9.98 0.06
C LEU B 158 20.41 -8.88 -0.92
N ASP B 159 19.39 -8.14 -1.46
CA ASP B 159 19.56 -6.94 -2.30
C ASP B 159 20.34 -7.20 -3.59
N ALA B 160 20.25 -8.40 -4.12
CA ALA B 160 20.98 -8.70 -5.34
C ALA B 160 20.53 -7.88 -6.54
N THR B 161 21.50 -7.56 -7.37
CA THR B 161 21.27 -6.91 -8.65
C THR B 161 22.19 -7.59 -9.65
N SER B 162 21.99 -7.29 -10.93
CA SER B 162 22.85 -7.78 -11.98
C SER B 162 23.14 -6.66 -12.96
N PHE B 163 24.21 -6.80 -13.75
CA PHE B 163 24.55 -5.89 -14.83
C PHE B 163 25.35 -6.65 -15.88
N GLU B 164 25.35 -6.12 -17.09
CA GLU B 164 26.08 -6.69 -18.21
C GLU B 164 27.29 -5.82 -18.54
N LEU B 165 28.41 -6.47 -18.85
CA LEU B 165 29.65 -5.80 -19.25
C LEU B 165 30.48 -6.75 -20.05
N ASN B 166 30.92 -6.29 -21.24
CA ASN B 166 31.75 -7.04 -22.18
C ASN B 166 31.14 -8.43 -22.47
N ASP B 167 29.79 -8.46 -22.69
CA ASP B 167 28.99 -9.65 -22.98
C ASP B 167 29.05 -10.71 -21.88
N LYS B 168 29.30 -10.28 -20.64
CA LYS B 168 29.29 -11.18 -19.49
C LYS B 168 28.21 -10.69 -18.55
N LEU B 169 27.72 -11.56 -17.68
CA LEU B 169 26.67 -11.21 -16.73
C LEU B 169 27.24 -11.25 -15.33
N TYR B 170 27.04 -10.17 -14.57
CA TYR B 170 27.59 -10.07 -13.23
C TYR B 170 26.51 -9.91 -12.20
N TYR B 171 26.69 -10.59 -11.07
CA TYR B 171 25.77 -10.54 -9.94
C TYR B 171 26.44 -9.70 -8.86
N VAL B 172 25.71 -8.74 -8.29
CA VAL B 172 26.22 -7.86 -7.22
C VAL B 172 25.21 -7.96 -6.09
N TRP B 173 25.67 -8.24 -4.87
CA TRP B 173 24.76 -8.42 -3.74
C TRP B 173 25.40 -8.05 -2.40
N ALA B 174 24.56 -8.06 -1.34
CA ALA B 174 24.98 -7.78 0.03
C ALA B 174 24.98 -9.08 0.81
N GLN B 175 26.04 -9.30 1.59
CA GLN B 175 26.12 -10.54 2.39
C GLN B 175 26.99 -10.41 3.62
N LYS B 176 26.59 -11.13 4.68
CA LYS B 176 27.30 -11.21 5.95
C LYS B 176 28.51 -12.16 5.89
N ASP B 177 29.67 -11.71 6.38
CA ASP B 177 30.81 -12.61 6.56
C ASP B 177 30.95 -12.73 8.10
N PRO B 178 30.84 -13.94 8.70
CA PRO B 178 31.03 -14.04 10.17
C PRO B 178 32.40 -13.53 10.66
N GLU B 179 33.42 -13.52 9.79
CA GLU B 179 34.78 -13.07 10.13
C GLU B 179 35.03 -11.55 9.89
N ILE B 180 34.01 -10.79 9.47
CA ILE B 180 34.14 -9.35 9.23
C ILE B 180 33.08 -8.61 10.04
N LYS B 181 33.49 -7.58 10.84
CA LYS B 181 32.54 -6.78 11.61
C LYS B 181 31.42 -6.16 10.73
N GLY B 182 30.18 -6.27 11.22
CA GLY B 182 29.00 -5.71 10.58
C GLY B 182 27.97 -6.70 10.13
N ASN B 183 26.92 -6.19 9.50
CA ASN B 183 25.79 -6.96 9.00
C ASN B 183 25.95 -7.49 7.61
N SER B 184 26.58 -6.73 6.71
CA SER B 184 26.76 -7.16 5.32
C SER B 184 27.81 -6.32 4.62
N ASN B 185 28.44 -6.92 3.60
CA ASN B 185 29.45 -6.34 2.72
C ASN B 185 28.95 -6.49 1.30
N LEU B 186 29.58 -5.79 0.36
CA LEU B 186 29.20 -5.91 -1.04
C LEU B 186 30.08 -6.89 -1.77
N TYR B 187 29.49 -7.71 -2.62
CA TYR B 187 30.19 -8.72 -3.39
C TYR B 187 29.86 -8.67 -4.87
N ILE B 188 30.79 -9.18 -5.69
CA ILE B 188 30.63 -9.33 -7.13
C ILE B 188 31.06 -10.75 -7.54
N ALA B 189 30.47 -11.27 -8.61
CA ALA B 189 30.81 -12.56 -9.20
C ALA B 189 30.29 -12.61 -10.63
N GLU B 190 30.96 -13.37 -11.49
CA GLU B 190 30.47 -13.53 -12.86
C GLU B 190 29.39 -14.65 -12.79
N MET B 191 28.31 -14.52 -13.57
CA MET B 191 27.21 -15.49 -13.57
C MET B 191 27.39 -16.50 -14.66
N GLU B 192 27.01 -17.75 -14.37
CA GLU B 192 27.03 -18.88 -15.31
C GLU B 192 25.80 -18.74 -16.24
N ASN B 193 24.69 -18.38 -15.62
CA ASN B 193 23.37 -18.15 -16.18
C ASN B 193 22.65 -17.18 -15.18
N PRO B 194 21.48 -16.59 -15.48
CA PRO B 194 20.90 -15.60 -14.56
C PRO B 194 20.55 -16.04 -13.12
N TRP B 195 20.72 -17.31 -12.74
CA TRP B 195 20.39 -17.72 -11.35
C TRP B 195 21.52 -18.49 -10.64
N THR B 196 22.70 -18.57 -11.27
CA THR B 196 23.85 -19.32 -10.77
C THR B 196 25.14 -18.60 -11.02
N LEU B 197 26.02 -18.61 -10.03
CA LEU B 197 27.36 -18.03 -10.09
C LEU B 197 28.33 -18.94 -10.81
N LYS B 198 29.28 -18.33 -11.54
CA LYS B 198 30.37 -19.00 -12.26
C LYS B 198 31.68 -18.84 -11.45
N THR B 199 31.98 -17.62 -11.00
CA THR B 199 33.21 -17.38 -10.23
C THR B 199 32.89 -17.26 -8.74
N ALA B 200 33.93 -17.35 -7.88
CA ALA B 200 33.80 -17.22 -6.43
C ALA B 200 33.53 -15.74 -6.06
N PRO B 201 32.66 -15.46 -5.05
CA PRO B 201 32.41 -14.06 -4.68
C PRO B 201 33.68 -13.28 -4.33
N VAL B 202 33.76 -12.01 -4.80
CA VAL B 202 34.84 -11.09 -4.50
C VAL B 202 34.24 -9.91 -3.72
N MET B 203 34.74 -9.69 -2.49
CA MET B 203 34.26 -8.58 -1.68
C MET B 203 34.74 -7.26 -2.25
N LEU B 204 33.81 -6.36 -2.53
CA LEU B 204 34.13 -5.06 -3.10
C LEU B 204 34.15 -3.96 -2.08
N SER B 205 33.33 -4.09 -1.01
CA SER B 205 33.22 -3.08 0.05
C SER B 205 32.75 -3.70 1.34
N LYS B 206 33.28 -3.19 2.45
CA LYS B 206 32.82 -3.58 3.78
C LYS B 206 32.54 -2.28 4.55
N PRO B 207 31.56 -2.22 5.48
CA PRO B 207 31.39 -0.97 6.25
C PRO B 207 32.65 -0.68 7.09
N GLU B 208 33.12 0.56 7.09
CA GLU B 208 34.33 0.96 7.84
C GLU B 208 34.32 2.44 8.20
N PHE B 209 33.73 3.31 7.35
CA PHE B 209 33.73 4.75 7.65
C PHE B 209 32.65 5.09 8.63
N ASP B 210 32.81 6.22 9.31
CA ASP B 210 31.88 6.78 10.28
C ASP B 210 30.43 6.81 9.77
N TRP B 211 30.25 7.34 8.56
CA TRP B 211 28.96 7.53 7.89
C TRP B 211 28.23 6.23 7.58
N GLU B 212 28.97 5.12 7.41
CA GLU B 212 28.35 3.82 7.10
C GLU B 212 28.26 2.89 8.32
N THR B 213 28.66 3.36 9.52
CA THR B 213 28.68 2.54 10.74
C THR B 213 27.85 3.12 11.91
N LYS B 214 26.84 3.97 11.62
CA LYS B 214 25.98 4.54 12.68
C LYS B 214 24.93 3.48 13.10
N ILE B 215 24.88 3.18 14.42
CA ILE B 215 24.04 2.16 15.08
C ILE B 215 24.51 0.76 14.65
N PHE B 216 24.42 0.43 13.35
CA PHE B 216 24.89 -0.82 12.78
C PHE B 216 25.88 -0.56 11.64
N TRP B 217 26.89 -1.46 11.47
CA TRP B 217 27.89 -1.40 10.41
C TRP B 217 27.26 -2.11 9.23
N VAL B 218 26.85 -1.39 8.21
CA VAL B 218 26.14 -2.00 7.09
C VAL B 218 26.60 -1.50 5.74
N ASN B 219 26.61 -2.39 4.74
CA ASN B 219 26.75 -2.11 3.32
C ASN B 219 25.67 -2.97 2.65
N GLU B 220 24.68 -2.33 2.01
CA GLU B 220 23.59 -3.02 1.33
C GLU B 220 23.04 -2.18 0.15
N GLY B 221 21.96 -2.66 -0.47
CA GLY B 221 21.30 -1.99 -1.58
C GLY B 221 22.18 -1.58 -2.75
N PRO B 222 23.02 -2.49 -3.31
CA PRO B 222 23.85 -2.11 -4.46
C PRO B 222 23.03 -1.74 -5.70
N ALA B 223 23.48 -0.75 -6.45
CA ALA B 223 22.83 -0.37 -7.73
C ALA B 223 23.95 -0.04 -8.72
N ILE B 224 23.82 -0.50 -9.98
CA ILE B 224 24.82 -0.28 -11.04
C ILE B 224 24.38 0.81 -12.02
N LEU B 225 25.34 1.70 -12.39
CA LEU B 225 25.15 2.76 -13.36
C LEU B 225 26.40 2.77 -14.25
N LYS B 226 26.25 2.71 -15.58
CA LYS B 226 27.38 2.75 -16.52
C LYS B 226 27.36 3.99 -17.35
N ARG B 227 28.46 4.76 -17.34
CA ARG B 227 28.62 5.99 -18.11
C ARG B 227 30.05 6.49 -18.05
N ASN B 228 30.45 7.26 -19.09
CA ASN B 228 31.74 7.96 -19.24
C ASN B 228 32.95 7.04 -19.03
N GLY B 229 32.86 5.85 -19.63
CA GLY B 229 33.89 4.82 -19.55
C GLY B 229 34.11 4.28 -18.15
N LYS B 230 33.06 4.30 -17.33
CA LYS B 230 33.15 3.88 -15.93
C LYS B 230 31.90 3.09 -15.55
N VAL B 231 32.01 2.34 -14.45
CA VAL B 231 30.90 1.63 -13.82
C VAL B 231 30.83 2.17 -12.40
N PHE B 232 29.66 2.68 -12.03
CA PHE B 232 29.41 3.25 -10.72
C PHE B 232 28.59 2.26 -9.94
N LEU B 233 28.96 2.07 -8.69
CA LEU B 233 28.26 1.17 -7.80
C LEU B 233 27.82 1.96 -6.59
N THR B 234 26.53 2.33 -6.53
CA THR B 234 26.03 3.01 -5.34
C THR B 234 25.56 1.96 -4.33
N PHE B 235 25.47 2.33 -3.06
CA PHE B 235 25.02 1.40 -2.03
C PHE B 235 24.53 2.24 -0.87
N SER B 236 23.90 1.59 0.11
CA SER B 236 23.42 2.25 1.31
C SER B 236 24.17 1.74 2.50
N GLY B 237 24.46 2.66 3.41
CA GLY B 237 25.20 2.39 4.63
C GLY B 237 24.50 2.88 5.88
N SER B 238 24.96 2.38 7.04
CA SER B 238 24.44 2.66 8.39
C SER B 238 23.04 2.07 8.57
N ALA B 239 22.46 2.27 9.77
CA ALA B 239 21.11 1.82 10.13
C ALA B 239 20.07 2.63 9.36
N THR B 240 18.92 2.03 9.13
CA THR B 240 17.81 2.53 8.32
C THR B 240 17.04 3.75 8.90
N ASP B 241 17.56 4.40 9.95
CA ASP B 241 16.92 5.61 10.51
C ASP B 241 17.39 6.86 9.75
N GLU B 242 17.49 8.04 10.41
CA GLU B 242 17.96 9.27 9.79
C GLU B 242 19.46 9.21 9.40
N ASN B 243 20.17 8.15 9.85
CA ASN B 243 21.59 7.92 9.53
C ASN B 243 21.80 7.20 8.22
N TYR B 244 20.74 6.61 7.66
CA TYR B 244 20.81 5.88 6.38
C TYR B 244 21.29 6.87 5.33
N ALA B 245 22.32 6.46 4.57
CA ALA B 245 22.95 7.30 3.54
C ALA B 245 23.44 6.42 2.41
N MET B 246 23.74 7.03 1.26
CA MET B 246 24.25 6.35 0.08
C MET B 246 25.72 6.65 -0.09
N GLY B 247 26.48 5.65 -0.52
CA GLY B 247 27.89 5.74 -0.83
C GLY B 247 28.15 5.28 -2.24
N MET B 248 29.39 5.40 -2.73
CA MET B 248 29.66 4.98 -4.11
C MET B 248 31.06 4.45 -4.29
N LEU B 249 31.14 3.38 -5.10
CA LEU B 249 32.36 2.77 -5.59
C LEU B 249 32.36 3.00 -7.09
N TRP B 250 33.53 3.05 -7.71
CA TRP B 250 33.63 3.24 -9.16
C TRP B 250 34.83 2.51 -9.71
N ILE B 251 34.74 2.12 -10.99
CA ILE B 251 35.81 1.42 -11.71
C ILE B 251 35.89 1.91 -13.17
N GLU B 252 37.09 1.95 -13.77
CA GLU B 252 37.26 2.25 -15.19
C GLU B 252 36.76 0.97 -15.88
N ASP B 253 35.82 1.10 -16.85
CA ASP B 253 35.13 -0.05 -17.46
C ASP B 253 36.01 -0.94 -18.35
N ASP B 254 37.30 -0.60 -18.51
CA ASP B 254 38.23 -1.41 -19.28
C ASP B 254 39.09 -2.27 -18.35
N LYS B 255 38.79 -2.23 -17.03
CA LYS B 255 39.53 -2.98 -16.01
C LYS B 255 38.75 -4.22 -15.58
N ASP B 256 39.46 -5.20 -14.99
CA ASP B 256 38.81 -6.41 -14.50
C ASP B 256 37.94 -6.06 -13.27
N VAL B 257 36.60 -6.19 -13.42
CA VAL B 257 35.58 -5.92 -12.40
C VAL B 257 35.62 -6.94 -11.25
N LEU B 258 36.29 -8.09 -11.44
CA LEU B 258 36.38 -9.14 -10.40
C LEU B 258 37.61 -8.95 -9.51
N ASP B 259 38.39 -7.89 -9.79
CA ASP B 259 39.57 -7.57 -8.99
C ASP B 259 39.22 -6.38 -8.12
N ALA B 260 39.03 -6.63 -6.80
CA ALA B 260 38.67 -5.59 -5.82
C ALA B 260 39.59 -4.36 -5.84
N ALA B 261 40.91 -4.54 -6.10
CA ALA B 261 41.89 -3.46 -6.14
C ALA B 261 41.61 -2.44 -7.27
N ASN B 262 40.84 -2.83 -8.29
CA ASN B 262 40.47 -1.93 -9.39
C ASN B 262 39.35 -0.97 -9.00
N TRP B 263 38.56 -1.31 -7.96
CA TRP B 263 37.46 -0.46 -7.55
C TRP B 263 37.93 0.63 -6.59
N HIS B 264 37.37 1.84 -6.74
CA HIS B 264 37.64 2.97 -5.84
C HIS B 264 36.41 3.18 -4.97
N LYS B 265 36.59 3.33 -3.67
CA LYS B 265 35.48 3.58 -2.77
C LYS B 265 35.56 5.02 -2.30
N LEU B 266 34.48 5.77 -2.43
CA LEU B 266 34.49 7.16 -1.92
C LEU B 266 34.36 7.07 -0.41
N ASP B 267 35.13 7.88 0.34
CA ASP B 267 35.16 7.84 1.81
C ASP B 267 34.03 8.62 2.47
N HIS B 268 33.08 9.12 1.67
CA HIS B 268 32.01 9.96 2.19
C HIS B 268 30.68 9.62 1.50
N PRO B 269 29.52 10.03 2.05
CA PRO B 269 28.26 9.74 1.34
C PRO B 269 28.09 10.57 0.06
N VAL B 270 27.37 10.04 -0.94
CA VAL B 270 27.10 10.75 -2.21
C VAL B 270 25.66 11.33 -2.18
N PHE B 271 24.90 10.92 -1.16
CA PHE B 271 23.50 11.27 -0.96
C PHE B 271 23.16 10.97 0.49
N GLN B 272 22.53 11.92 1.17
CA GLN B 272 22.20 11.72 2.59
C GLN B 272 20.96 12.49 3.00
N SER B 273 20.52 12.30 4.25
CA SER B 273 19.40 12.96 4.85
C SER B 273 19.51 14.47 4.74
N ASP B 274 18.35 15.12 4.65
CA ASP B 274 18.24 16.57 4.73
C ASP B 274 17.27 16.82 5.87
N MET B 275 17.81 16.86 7.11
CA MET B 275 17.06 17.07 8.37
C MET B 275 16.15 18.29 8.31
N GLU B 276 16.69 19.41 7.79
CA GLU B 276 15.95 20.68 7.67
C GLU B 276 14.63 20.50 6.93
N ASN B 277 14.63 19.75 5.80
CA ASN B 277 13.42 19.56 5.00
C ASN B 277 12.68 18.27 5.30
N GLY B 278 13.04 17.65 6.43
CA GLY B 278 12.41 16.42 6.91
C GLY B 278 12.49 15.25 5.95
N LEU B 279 13.64 15.07 5.28
CA LEU B 279 13.85 13.95 4.35
C LEU B 279 14.85 13.01 5.02
N TYR B 280 14.33 12.03 5.76
CA TYR B 280 15.16 11.17 6.59
C TYR B 280 15.53 9.83 6.02
N GLY B 281 16.83 9.56 6.03
CA GLY B 281 17.45 8.30 5.61
C GLY B 281 17.13 7.88 4.19
N PRO B 282 17.49 8.71 3.17
CA PRO B 282 17.27 8.27 1.77
C PRO B 282 18.20 7.10 1.48
N GLY B 283 17.69 6.14 0.73
CA GLY B 283 18.51 4.98 0.41
C GLY B 283 17.84 3.93 -0.43
N HIS B 284 18.51 2.78 -0.51
CA HIS B 284 18.15 1.63 -1.33
C HIS B 284 17.69 2.14 -2.70
N ASN B 285 18.66 2.72 -3.40
CA ASN B 285 18.45 3.38 -4.67
C ASN B 285 18.54 2.46 -5.86
N SER B 286 18.05 2.97 -6.98
CA SER B 286 18.08 2.41 -8.29
C SER B 286 18.09 3.63 -9.24
N PHE B 287 18.22 3.37 -10.54
CA PHE B 287 18.29 4.43 -11.54
C PHE B 287 17.34 4.15 -12.69
N THR B 288 16.88 5.21 -13.36
CA THR B 288 16.07 5.08 -14.56
C THR B 288 16.32 6.33 -15.40
N VAL B 289 15.61 6.45 -16.54
CA VAL B 289 15.74 7.55 -17.48
C VAL B 289 14.32 8.15 -17.66
N ALA B 290 14.21 9.50 -17.75
CA ALA B 290 12.94 10.21 -17.88
C ALA B 290 12.24 9.92 -19.19
N GLU B 291 11.01 10.42 -19.34
CA GLU B 291 10.18 10.17 -20.51
C GLU B 291 10.79 10.80 -21.80
N ASP B 292 11.81 11.69 -21.67
CA ASP B 292 12.53 12.30 -22.80
C ASP B 292 13.64 11.39 -23.36
N GLY B 293 13.89 10.25 -22.69
CA GLY B 293 14.90 9.26 -23.04
C GLY B 293 16.33 9.73 -22.86
N GLU B 294 16.53 10.85 -22.12
CA GLU B 294 17.84 11.45 -21.91
C GLU B 294 18.19 11.73 -20.43
N THR B 295 17.28 12.38 -19.69
CA THR B 295 17.52 12.79 -18.31
C THR B 295 17.61 11.59 -17.38
N ASP B 296 18.75 11.47 -16.69
CA ASP B 296 18.99 10.39 -15.70
C ASP B 296 18.22 10.67 -14.43
N LEU B 297 17.59 9.61 -13.89
CA LEU B 297 16.76 9.68 -12.71
C LEU B 297 17.27 8.79 -11.62
N LEU B 298 17.34 9.35 -10.42
CA LEU B 298 17.68 8.66 -9.17
C LEU B 298 16.34 8.26 -8.49
N VAL B 299 16.22 6.98 -8.10
CA VAL B 299 15.02 6.41 -7.49
C VAL B 299 15.45 5.82 -6.14
N TYR B 300 14.80 6.21 -5.06
CA TYR B 300 15.17 5.79 -3.69
C TYR B 300 13.97 5.91 -2.82
N HIS B 301 14.06 5.36 -1.59
CA HIS B 301 13.01 5.53 -0.60
C HIS B 301 13.51 6.44 0.50
N VAL B 302 12.55 7.03 1.26
CA VAL B 302 12.84 7.99 2.34
C VAL B 302 11.69 7.99 3.35
N ARG B 303 11.96 8.51 4.55
CA ARG B 303 10.97 8.73 5.60
C ARG B 303 10.74 10.23 5.83
N ASN B 304 9.53 10.60 6.25
CA ASN B 304 9.21 12.00 6.52
C ASN B 304 9.02 12.23 8.00
N TYR B 305 9.29 11.21 8.84
CA TYR B 305 9.23 11.39 10.30
C TYR B 305 10.20 10.42 10.98
N LEU B 306 10.55 10.69 12.25
CA LEU B 306 11.47 9.88 13.04
C LEU B 306 10.80 9.18 14.22
N ASP B 307 9.61 9.64 14.62
CA ASP B 307 8.91 9.13 15.78
C ASP B 307 8.10 7.85 15.41
N ILE B 308 8.82 6.79 15.05
CA ILE B 308 8.26 5.48 14.72
C ILE B 308 7.77 4.80 16.00
N LYS B 309 6.50 4.37 16.04
CA LYS B 309 5.95 3.66 17.19
C LYS B 309 5.81 2.19 16.82
N GLY B 310 5.99 1.33 17.81
CA GLY B 310 5.92 -0.12 17.60
C GLY B 310 7.14 -0.64 16.87
N ASP B 311 7.03 -1.83 16.26
CA ASP B 311 8.16 -2.40 15.54
C ASP B 311 8.42 -1.61 14.24
N PRO B 312 9.63 -1.00 14.09
CA PRO B 312 9.91 -0.19 12.89
C PRO B 312 9.83 -0.96 11.58
N LEU B 313 10.04 -2.28 11.64
CA LEU B 313 9.94 -3.15 10.48
C LEU B 313 8.55 -3.09 9.86
N TYR B 314 7.53 -2.87 10.71
CA TYR B 314 6.13 -2.82 10.27
C TYR B 314 5.58 -1.39 10.18
N ASP B 315 6.46 -0.37 10.30
CA ASP B 315 6.02 0.99 10.04
C ASP B 315 6.15 1.10 8.49
N PRO B 316 5.03 1.29 7.78
CA PRO B 316 5.07 1.22 6.32
C PRO B 316 5.45 2.47 5.58
N ASN B 317 5.81 3.53 6.31
CA ASN B 317 5.95 4.84 5.72
C ASN B 317 7.34 5.19 5.12
N ARG B 318 7.95 4.24 4.41
CA ARG B 318 9.10 4.58 3.56
C ARG B 318 8.43 4.84 2.21
N HIS B 319 8.65 6.02 1.63
CA HIS B 319 8.01 6.44 0.38
C HIS B 319 8.98 6.51 -0.77
N THR B 320 8.52 6.20 -2.00
CA THR B 320 9.35 6.23 -3.18
C THR B 320 9.48 7.65 -3.74
N MET B 321 10.74 8.07 -3.93
CA MET B 321 11.14 9.36 -4.50
C MET B 321 11.83 9.14 -5.85
N VAL B 322 11.56 10.02 -6.81
CA VAL B 322 12.16 10.02 -8.17
C VAL B 322 12.61 11.46 -8.46
N GLN B 323 13.90 11.63 -8.82
CA GLN B 323 14.46 12.96 -9.08
C GLN B 323 15.63 12.91 -10.05
N PRO B 324 15.81 13.96 -10.89
CA PRO B 324 16.92 13.91 -11.84
C PRO B 324 18.27 14.17 -11.17
N PHE B 325 19.32 13.68 -11.81
CA PHE B 325 20.69 13.94 -11.37
C PHE B 325 21.48 14.35 -12.58
N GLU B 326 22.64 14.94 -12.33
CA GLU B 326 23.50 15.50 -13.36
C GLU B 326 24.86 14.88 -13.24
N TRP B 327 25.79 15.28 -14.13
CA TRP B 327 27.15 14.74 -14.22
C TRP B 327 28.16 15.87 -14.16
N ASP B 328 29.32 15.64 -13.54
CA ASP B 328 30.38 16.66 -13.48
C ASP B 328 31.31 16.56 -14.71
N ASP B 329 32.31 17.46 -14.83
CA ASP B 329 33.24 17.48 -15.98
C ASP B 329 34.23 16.29 -15.98
N GLU B 330 34.30 15.52 -14.87
CA GLU B 330 35.11 14.30 -14.73
C GLU B 330 34.29 13.05 -15.13
N GLY B 331 32.98 13.21 -15.33
CA GLY B 331 32.10 12.13 -15.74
C GLY B 331 31.51 11.36 -14.57
N PHE B 332 31.46 11.99 -13.39
CA PHE B 332 30.90 11.41 -12.18
C PHE B 332 29.47 11.92 -11.96
N PRO B 333 28.55 11.08 -11.45
CA PRO B 333 27.19 11.58 -11.22
C PRO B 333 27.21 12.55 -10.04
N VAL B 334 26.30 13.51 -10.04
CA VAL B 334 26.17 14.53 -9.00
C VAL B 334 24.73 14.39 -8.52
N PHE B 335 24.55 13.76 -7.35
CA PHE B 335 23.20 13.43 -6.87
C PHE B 335 22.54 14.55 -6.09
N GLY B 336 23.33 15.48 -5.56
CA GLY B 336 22.77 16.61 -4.84
C GLY B 336 22.11 16.20 -3.54
N LYS B 337 20.94 16.76 -3.26
CA LYS B 337 20.17 16.54 -2.02
C LYS B 337 18.77 15.96 -2.31
N PRO B 338 18.15 15.22 -1.34
CA PRO B 338 16.78 14.73 -1.58
C PRO B 338 15.88 15.92 -1.91
N GLN B 339 15.04 15.77 -2.92
CA GLN B 339 14.15 16.85 -3.38
C GLN B 339 13.06 17.08 -2.34
N PRO B 340 12.77 18.34 -1.93
CA PRO B 340 11.70 18.55 -0.95
C PRO B 340 10.32 18.05 -1.42
N PHE B 341 9.51 17.57 -0.45
CA PHE B 341 8.16 17.04 -0.72
C PHE B 341 7.22 18.08 -1.32
N THR B 342 6.22 17.58 -2.06
CA THR B 342 5.18 18.41 -2.63
C THR B 342 3.93 18.14 -1.81
N PHE B 343 3.22 19.22 -1.45
CA PHE B 343 1.98 19.10 -0.69
C PHE B 343 0.83 19.66 -1.50
N ASN B 344 -0.08 18.77 -1.93
CA ASN B 344 -1.24 19.17 -2.72
C ASN B 344 -2.55 18.91 -1.96
CA CA C . -18.13 2.65 5.86
N1 IMD D . -9.11 -16.38 7.49
C2 IMD D . -8.40 -16.39 6.38
N3 IMD D . -9.22 -16.20 5.37
C4 IMD D . -10.49 -16.07 5.85
C5 IMD D . -10.41 -16.19 7.18
HN1 IMD D . -8.75 -16.49 8.44
H2 IMD D . -7.32 -16.54 6.32
HN3 IMD D . -8.96 -16.15 4.39
H4 IMD D . -11.35 -15.88 5.21
H5 IMD D . -11.21 -16.16 7.92
C1 GOL E . -13.32 -4.84 5.11
O1 GOL E . -14.69 -4.55 4.95
C2 GOL E . -12.76 -5.49 3.88
O2 GOL E . -11.73 -4.68 3.32
C3 GOL E . -12.22 -6.89 4.13
O3 GOL E . -12.42 -7.72 2.99
H11 GOL E . -12.75 -3.95 5.40
H12 GOL E . -13.22 -5.52 5.95
HO1 GOL E . -14.77 -3.56 4.96
H2 GOL E . -13.49 -5.50 3.07
HO2 GOL E . -10.97 -4.63 3.95
H31 GOL E . -11.18 -6.87 4.41
H32 GOL E . -12.75 -7.34 4.96
HO3 GOL E . -11.59 -8.25 2.91
C1 GOL F . -17.68 -10.50 5.47
O1 GOL F . -19.04 -10.87 5.20
C2 GOL F . -17.15 -9.52 4.45
O2 GOL F . -17.21 -8.16 4.93
C3 GOL F . -15.73 -9.84 4.06
O3 GOL F . -15.25 -8.91 3.10
H11 GOL F . -17.59 -10.11 6.48
H12 GOL F . -17.07 -11.40 5.48
HO1 GOL F . -19.26 -11.59 5.85
H2 GOL F . -17.80 -9.47 3.58
HO2 GOL F . -17.62 -8.11 5.83
H31 GOL F . -15.08 -9.84 4.94
H32 GOL F . -15.68 -10.84 3.66
HO3 GOL F . -15.45 -8.01 3.45
CA CA G . 18.20 -3.40 -5.34
N1 IMD H . 10.78 -7.83 14.08
C2 IMD H . 10.26 -9.01 13.82
N3 IMD H . 11.23 -9.80 13.39
C4 IMD H . 12.39 -9.09 13.38
C5 IMD H . 12.11 -7.86 13.81
HN1 IMD H . 10.27 -7.03 14.46
H2 IMD H . 9.22 -9.30 13.93
HN3 IMD H . 11.13 -10.76 13.11
H4 IMD H . 13.35 -9.51 13.07
H5 IMD H . 12.78 -7.01 13.94
C1 GOL I . 14.19 -4.71 2.67
O1 GOL I . 15.28 -4.12 2.00
C2 GOL I . 13.50 -3.73 3.60
O2 GOL I . 12.34 -3.18 2.96
C3 GOL I . 13.09 -4.33 4.93
O3 GOL I . 13.17 -3.35 5.96
H11 GOL I . 13.49 -5.13 1.97
H12 GOL I . 14.59 -5.55 3.24
HO1 GOL I . 15.86 -4.87 1.68
H2 GOL I . 14.11 -2.84 3.74
HO2 GOL I . 11.69 -3.90 2.78
H31 GOL I . 12.11 -4.77 4.89
H32 GOL I . 13.78 -5.13 5.20
HO3 GOL I . 12.35 -3.46 6.51
#